data_6KE5
#
_entry.id   6KE5
#
_cell.length_a   124.730
_cell.length_b   124.990
_cell.length_c   191.940
_cell.angle_alpha   90.000
_cell.angle_beta   90.000
_cell.angle_gamma   90.000
#
_symmetry.space_group_name_H-M   'P 2 21 21'
#
loop_
_entity.id
_entity.type
_entity.pdbx_description
1 polymer 'Ion transport protein'
2 non-polymer [1-MYRISTOYL-GLYCEROL-3-YL]PHOSPHONYLCHOLINE
3 non-polymer 'CALCIUM ION'
4 non-polymer SN-GLYCEROL-3-PHOSPHATE
5 non-polymer amlodipine
6 non-polymer '[(2~{S},3~{R})-5-[2-(dimethylamino)ethyl]-2-(4-methoxyphenyl)-4-oxidanylidene-2,3-dihydro-1,5-benzothiazepin-3-yl] ethanoate'
7 water water
#
_entity_poly.entity_id   1
_entity_poly.type   'polypeptide(L)'
_entity_poly.pdbx_seq_one_letter_code
;DYKDDDDKGSLVPRGSHMYLRITNIVESSFFTKFIIYLIVLNGITMGLETSKTFMQSFGVYTTLFNQIVITIFTIEIILR
IYVHRISFFKDPWSLFDFFVVAISLVPTSSGFEILRVLRVLRLFRLVTAVPQMRKIVSALISVIPGMLSVIALMTLFFYI
FAIMATQLFGERFPEWFGTLGESFYTLFQVMTLDDWSNGIVRPLMEVYPYAYVFFIPFIFVVTFVMINLVVAIIVDAMAI
LNQKEEQHIIDEVQSHEDNINNEIIKLREEIVELKELIKTSLKN
;
_entity_poly.pdbx_strand_id   A,B,C,D
#
# COMPACT_ATOMS: atom_id res chain seq x y z
N MET A 18 -59.77 -13.88 0.80
CA MET A 18 -60.01 -13.13 2.07
C MET A 18 -59.20 -13.73 3.21
N TYR A 19 -58.70 -14.95 3.04
CA TYR A 19 -57.72 -15.49 3.96
C TYR A 19 -56.36 -14.85 3.78
N LEU A 20 -55.52 -14.93 4.80
CA LEU A 20 -54.09 -14.58 4.71
C LEU A 20 -53.88 -13.07 4.50
N ARG A 21 -54.67 -12.28 5.19
CA ARG A 21 -54.68 -10.83 5.04
C ARG A 21 -53.42 -10.18 5.59
N ILE A 22 -52.59 -10.93 6.29
CA ILE A 22 -51.38 -10.38 6.88
C ILE A 22 -50.38 -9.92 5.80
N THR A 23 -50.17 -10.75 4.78
CA THR A 23 -49.15 -10.52 3.77
C THR A 23 -49.35 -9.26 2.97
N ASN A 24 -50.19 -8.34 3.45
CA ASN A 24 -50.43 -7.09 2.76
C ASN A 24 -50.03 -5.88 3.62
N ILE A 25 -49.34 -6.11 4.74
CA ILE A 25 -48.71 -5.06 5.52
C ILE A 25 -47.19 -5.23 5.60
N VAL A 26 -46.73 -6.47 5.75
CA VAL A 26 -45.32 -6.82 5.68
C VAL A 26 -44.65 -6.31 4.38
N GLU A 27 -45.40 -6.30 3.28
CA GLU A 27 -44.87 -5.80 2.00
C GLU A 27 -45.46 -4.44 1.71
N SER A 28 -44.59 -3.44 1.62
CA SER A 28 -44.96 -2.07 1.30
C SER A 28 -43.69 -1.25 1.14
N SER A 29 -43.87 0.06 1.04
CA SER A 29 -42.77 0.98 1.13
C SER A 29 -42.73 1.69 2.49
N PHE A 30 -43.77 1.51 3.31
CA PHE A 30 -43.87 2.17 4.59
C PHE A 30 -43.26 1.34 5.71
N PHE A 31 -43.33 0.00 5.62
CA PHE A 31 -42.88 -0.82 6.71
C PHE A 31 -41.38 -0.61 7.00
N THR A 32 -40.64 -0.27 5.94
CA THR A 32 -39.19 -0.04 6.04
C THR A 32 -38.73 1.12 6.93
N LYS A 33 -39.38 2.28 6.82
CA LYS A 33 -39.02 3.42 7.66
C LYS A 33 -39.51 3.22 9.07
N PHE A 34 -40.33 2.20 9.30
CA PHE A 34 -40.69 1.84 10.65
C PHE A 34 -39.73 0.81 11.24
N ILE A 35 -39.46 -0.26 10.50
CA ILE A 35 -38.39 -1.16 10.91
C ILE A 35 -37.03 -0.51 10.76
N ILE A 36 -36.77 0.01 9.55
CA ILE A 36 -35.52 0.72 9.26
C ILE A 36 -35.26 1.80 10.30
N TYR A 37 -36.25 2.65 10.53
CA TYR A 37 -36.15 3.75 11.47
C TYR A 37 -36.24 3.28 12.91
N LEU A 38 -36.67 2.05 13.15
CA LEU A 38 -36.44 1.45 14.48
C LEU A 38 -35.04 0.90 14.58
N ILE A 39 -34.57 0.22 13.52
CA ILE A 39 -33.18 -0.17 13.43
C ILE A 39 -32.28 1.05 13.72
N VAL A 40 -32.56 2.17 13.06
CA VAL A 40 -31.71 3.33 13.21
C VAL A 40 -31.71 3.84 14.66
N LEU A 41 -32.88 3.82 15.30
CA LEU A 41 -32.94 4.20 16.71
C LEU A 41 -32.12 3.26 17.56
N ASN A 42 -32.57 2.01 17.73
CA ASN A 42 -31.76 1.01 18.38
C ASN A 42 -30.38 0.85 17.76
N GLY A 43 -30.18 1.37 16.54
CA GLY A 43 -28.87 1.46 15.96
C GLY A 43 -28.20 2.77 16.29
N ILE A 44 -28.65 3.36 17.39
CA ILE A 44 -28.01 4.52 18.02
C ILE A 44 -27.94 4.28 19.54
N THR A 45 -28.96 3.67 20.12
CA THR A 45 -29.03 3.58 21.58
C THR A 45 -27.79 2.86 22.09
N MET A 46 -27.29 1.92 21.32
CA MET A 46 -26.07 1.22 21.70
C MET A 46 -24.88 2.17 21.77
N GLY A 47 -24.82 3.12 20.85
CA GLY A 47 -23.81 4.14 20.83
C GLY A 47 -23.68 5.08 22.04
N LEU A 48 -24.81 5.48 22.58
CA LEU A 48 -24.88 6.25 23.83
C LEU A 48 -24.65 5.47 25.14
N GLU A 49 -24.69 4.15 24.99
CA GLU A 49 -24.37 3.18 26.06
C GLU A 49 -22.88 3.38 26.31
N THR A 50 -22.14 3.69 25.26
CA THR A 50 -20.72 3.90 25.33
C THR A 50 -20.34 4.98 26.31
N SER A 51 -21.09 6.08 26.38
CA SER A 51 -20.74 7.09 27.35
C SER A 51 -21.00 6.39 28.64
N LYS A 52 -20.00 6.36 29.50
CA LYS A 52 -20.18 5.68 30.77
C LYS A 52 -21.22 6.41 31.58
N THR A 53 -21.17 7.73 31.57
CA THR A 53 -22.09 8.53 32.32
C THR A 53 -23.50 8.30 31.83
N PHE A 54 -23.68 8.37 30.53
CA PHE A 54 -25.08 8.19 30.10
C PHE A 54 -25.76 7.04 30.84
N MET A 55 -25.17 5.86 30.77
CA MET A 55 -25.86 4.72 31.32
C MET A 55 -25.79 4.70 32.84
N GLN A 56 -26.14 5.84 33.40
CA GLN A 56 -26.22 6.00 34.83
C GLN A 56 -27.46 6.83 34.96
N SER A 57 -27.39 8.03 34.45
CA SER A 57 -28.50 8.96 34.46
C SER A 57 -29.74 8.50 33.67
N PHE A 58 -29.52 7.97 32.48
CA PHE A 58 -30.63 7.61 31.57
C PHE A 58 -30.60 6.14 31.16
N GLY A 59 -29.92 5.28 31.88
CA GLY A 59 -29.94 3.86 31.56
C GLY A 59 -31.32 3.25 31.59
N VAL A 60 -32.16 3.74 32.48
CA VAL A 60 -33.47 3.16 32.73
C VAL A 60 -34.29 3.03 31.44
N TYR A 61 -34.34 4.10 30.65
CA TYR A 61 -35.09 4.06 29.41
C TYR A 61 -34.41 3.18 28.38
N THR A 62 -33.09 3.01 28.50
CA THR A 62 -32.34 2.32 27.46
C THR A 62 -32.37 0.80 27.60
N THR A 63 -32.43 0.31 28.84
CA THR A 63 -32.49 -1.13 29.03
C THR A 63 -33.76 -1.71 28.41
N LEU A 64 -34.88 -1.01 28.60
CA LEU A 64 -36.14 -1.47 28.06
C LEU A 64 -36.26 -1.18 26.57
N PHE A 65 -35.75 -0.03 26.15
CA PHE A 65 -35.80 0.39 24.75
C PHE A 65 -35.27 -0.72 23.86
N ASN A 66 -34.08 -1.24 24.21
CA ASN A 66 -33.50 -2.34 23.47
C ASN A 66 -34.42 -3.56 23.43
N GLN A 67 -35.11 -3.84 24.53
CA GLN A 67 -35.96 -5.00 24.58
C GLN A 67 -37.23 -4.81 23.76
N ILE A 68 -37.74 -3.58 23.66
CA ILE A 68 -38.98 -3.37 22.99
C ILE A 68 -38.90 -3.75 21.50
N VAL A 69 -37.75 -3.47 20.91
CA VAL A 69 -37.54 -3.82 19.49
C VAL A 69 -37.32 -5.31 19.35
N ILE A 70 -36.59 -5.92 20.29
CA ILE A 70 -36.10 -7.29 20.13
C ILE A 70 -37.28 -8.28 20.02
N THR A 71 -38.37 -7.97 20.71
CA THR A 71 -39.61 -8.72 20.50
C THR A 71 -40.33 -8.22 19.26
N ILE A 72 -40.45 -6.90 19.13
CA ILE A 72 -40.94 -6.31 17.89
C ILE A 72 -40.17 -6.87 16.70
N PHE A 73 -38.88 -7.12 16.86
CA PHE A 73 -38.12 -7.76 15.77
C PHE A 73 -38.40 -9.26 15.68
N THR A 74 -38.45 -9.96 16.82
CA THR A 74 -38.94 -11.32 16.75
C THR A 74 -40.39 -11.41 16.36
N ILE A 75 -41.09 -10.28 16.39
CA ILE A 75 -42.39 -10.15 15.72
C ILE A 75 -42.17 -10.01 14.25
N GLU A 76 -41.66 -8.86 13.80
CA GLU A 76 -41.40 -8.62 12.38
C GLU A 76 -40.93 -9.87 11.66
N ILE A 77 -39.96 -10.55 12.24
CA ILE A 77 -39.31 -11.66 11.54
C ILE A 77 -40.20 -12.90 11.51
N ILE A 78 -40.79 -13.26 12.65
CA ILE A 78 -41.81 -14.34 12.64
C ILE A 78 -42.98 -13.94 11.75
N LEU A 79 -43.25 -12.63 11.65
CA LEU A 79 -44.26 -12.12 10.75
C LEU A 79 -43.79 -11.89 9.33
N ARG A 80 -42.48 -11.95 9.07
CA ARG A 80 -41.96 -12.12 7.74
C ARG A 80 -41.81 -13.59 7.36
N ILE A 81 -41.87 -14.50 8.33
CA ILE A 81 -41.57 -15.90 8.13
C ILE A 81 -42.59 -16.56 7.19
N TYR A 82 -43.87 -16.26 7.39
CA TYR A 82 -44.91 -16.98 6.66
C TYR A 82 -45.29 -16.35 5.34
N VAL A 83 -45.17 -15.02 5.23
CA VAL A 83 -45.46 -14.33 3.97
C VAL A 83 -44.53 -14.78 2.85
N HIS A 84 -43.23 -14.89 3.17
CA HIS A 84 -42.23 -15.39 2.24
C HIS A 84 -41.88 -16.82 2.61
N ARG A 85 -41.97 -17.75 1.67
CA ARG A 85 -41.56 -19.13 1.96
C ARG A 85 -40.92 -19.88 0.82
N ILE A 86 -41.28 -19.54 -0.42
CA ILE A 86 -40.66 -20.15 -1.59
C ILE A 86 -39.19 -19.77 -1.53
N SER A 87 -38.93 -18.50 -1.19
CA SER A 87 -37.56 -18.01 -1.04
C SER A 87 -37.39 -17.16 0.23
N PHE A 88 -37.46 -17.77 1.40
CA PHE A 88 -37.18 -17.04 2.64
C PHE A 88 -35.95 -17.61 3.31
N PHE A 89 -35.99 -18.91 3.57
CA PHE A 89 -34.85 -19.61 4.14
C PHE A 89 -33.78 -19.56 3.06
N LYS A 90 -34.19 -19.61 1.81
CA LYS A 90 -33.25 -19.37 0.72
C LYS A 90 -33.03 -17.89 0.50
N ASP A 91 -33.34 -17.06 1.51
CA ASP A 91 -32.94 -15.67 1.52
C ASP A 91 -31.95 -15.45 2.68
N PRO A 92 -30.63 -15.41 2.40
CA PRO A 92 -29.67 -15.31 3.49
C PRO A 92 -29.75 -13.97 4.21
N TRP A 93 -30.27 -12.95 3.54
CA TRP A 93 -30.44 -11.64 4.17
C TRP A 93 -31.33 -11.78 5.39
N SER A 94 -32.47 -12.45 5.21
CA SER A 94 -33.36 -12.66 6.30
C SER A 94 -32.90 -13.79 7.21
N LEU A 95 -32.28 -14.83 6.65
CA LEU A 95 -31.57 -15.76 7.49
C LEU A 95 -30.51 -15.06 8.34
N PHE A 96 -29.81 -14.09 7.75
CA PHE A 96 -28.96 -13.20 8.52
C PHE A 96 -29.76 -12.27 9.44
N ASP A 97 -31.03 -12.01 9.08
CA ASP A 97 -31.93 -11.32 10.01
C ASP A 97 -32.49 -12.27 11.04
N PHE A 98 -32.57 -13.55 10.69
CA PHE A 98 -33.03 -14.54 11.64
C PHE A 98 -31.96 -14.78 12.73
N PHE A 99 -30.78 -15.25 12.32
CA PHE A 99 -29.74 -15.62 13.25
C PHE A 99 -29.23 -14.43 14.06
N VAL A 100 -29.25 -13.25 13.45
CA VAL A 100 -28.85 -12.06 14.19
C VAL A 100 -29.87 -11.76 15.33
N VAL A 101 -31.15 -11.80 15.00
CA VAL A 101 -32.17 -11.59 15.98
C VAL A 101 -32.22 -12.74 16.97
N ALA A 102 -31.85 -13.92 16.49
CA ALA A 102 -31.92 -15.11 17.33
C ALA A 102 -31.01 -14.98 18.52
N ILE A 103 -29.78 -14.55 18.29
CA ILE A 103 -28.78 -14.43 19.35
C ILE A 103 -29.12 -13.38 20.40
N SER A 104 -29.87 -12.35 19.99
CA SER A 104 -30.25 -11.28 20.88
C SER A 104 -31.10 -11.69 22.06
N LEU A 105 -31.88 -12.75 21.95
CA LEU A 105 -32.69 -13.20 23.08
C LEU A 105 -32.06 -14.23 24.04
N VAL A 106 -30.92 -13.91 24.65
CA VAL A 106 -30.27 -14.71 25.68
C VAL A 106 -30.29 -16.25 25.51
N PRO A 107 -29.66 -16.75 24.45
CA PRO A 107 -29.78 -18.20 24.24
C PRO A 107 -29.59 -19.00 25.52
N THR A 108 -30.30 -20.11 25.63
CA THR A 108 -30.14 -21.05 26.74
C THR A 108 -29.72 -22.40 26.19
N SER A 109 -28.41 -22.65 26.22
CA SER A 109 -27.80 -23.84 25.67
C SER A 109 -26.71 -24.41 26.57
N SER A 110 -26.84 -24.22 27.88
CA SER A 110 -25.79 -24.55 28.85
C SER A 110 -24.46 -23.88 28.49
N GLY A 111 -24.53 -22.58 28.24
CA GLY A 111 -23.40 -21.78 27.80
C GLY A 111 -23.10 -20.62 28.72
N PHE A 112 -22.04 -19.90 28.36
CA PHE A 112 -21.57 -18.75 29.09
C PHE A 112 -21.42 -17.50 28.22
N GLU A 113 -21.75 -16.41 28.88
CA GLU A 113 -21.74 -15.01 28.46
C GLU A 113 -20.78 -14.27 27.46
N ILE A 114 -20.67 -14.68 26.21
CA ILE A 114 -19.86 -13.86 25.26
C ILE A 114 -20.72 -13.12 24.24
N LEU A 115 -21.93 -13.64 24.10
CA LEU A 115 -22.99 -13.27 23.20
C LEU A 115 -23.58 -11.90 23.39
N ARG A 116 -23.41 -11.30 24.56
CA ARG A 116 -23.98 -10.00 24.81
C ARG A 116 -23.44 -9.03 23.81
N VAL A 117 -22.19 -9.16 23.45
CA VAL A 117 -21.61 -8.29 22.44
C VAL A 117 -22.07 -8.63 21.01
N LEU A 118 -22.38 -9.88 20.74
CA LEU A 118 -22.79 -10.29 19.43
C LEU A 118 -24.08 -9.63 18.91
N ARG A 119 -24.99 -9.27 19.80
CA ARG A 119 -26.26 -8.71 19.36
C ARG A 119 -26.06 -7.47 18.53
N VAL A 120 -25.20 -6.56 18.88
CA VAL A 120 -25.08 -5.35 18.08
C VAL A 120 -24.92 -5.63 16.59
N LEU A 121 -24.54 -6.86 16.24
CA LEU A 121 -24.53 -7.27 14.83
C LEU A 121 -25.83 -6.99 14.11
N ARG A 122 -26.93 -6.91 14.87
CA ARG A 122 -28.20 -6.40 14.36
C ARG A 122 -28.07 -5.20 13.45
N LEU A 123 -27.56 -4.11 13.98
CA LEU A 123 -27.55 -2.81 13.31
C LEU A 123 -26.83 -2.91 11.95
N PHE A 124 -26.38 -4.11 11.57
CA PHE A 124 -26.17 -4.40 10.16
C PHE A 124 -27.49 -4.49 9.39
N ARG A 125 -28.62 -4.51 10.12
CA ARG A 125 -29.93 -4.57 9.51
C ARG A 125 -30.32 -3.25 8.85
N LEU A 126 -29.54 -2.18 9.06
CA LEU A 126 -29.68 -0.98 8.24
C LEU A 126 -29.16 -1.19 6.84
N VAL A 127 -28.36 -2.23 6.61
CA VAL A 127 -28.02 -2.60 5.23
C VAL A 127 -28.97 -3.68 4.74
N THR A 128 -29.48 -4.47 5.69
CA THR A 128 -30.27 -5.64 5.27
C THR A 128 -31.57 -5.19 4.56
N ALA A 129 -32.11 -4.05 4.97
CA ALA A 129 -33.43 -3.67 4.59
C ALA A 129 -33.50 -2.23 4.04
N VAL A 130 -32.44 -1.80 3.37
CA VAL A 130 -32.44 -0.62 2.56
C VAL A 130 -31.64 -0.97 1.29
N PRO A 131 -32.25 -0.81 0.10
CA PRO A 131 -31.57 -1.32 -1.11
C PRO A 131 -30.28 -0.62 -1.48
N GLN A 132 -30.15 0.68 -1.24
CA GLN A 132 -28.89 1.36 -1.53
C GLN A 132 -27.72 0.68 -0.81
N MET A 133 -27.96 0.25 0.43
CA MET A 133 -27.01 -0.55 1.19
C MET A 133 -27.17 -2.03 0.94
N ARG A 134 -27.92 -2.38 -0.10
CA ARG A 134 -28.12 -3.73 -0.58
C ARG A 134 -27.78 -3.88 -2.06
N LYS A 135 -27.75 -2.79 -2.80
CA LYS A 135 -27.02 -2.76 -4.07
C LYS A 135 -25.53 -3.05 -3.83
N ILE A 136 -24.92 -2.32 -2.90
CA ILE A 136 -23.48 -2.28 -2.72
C ILE A 136 -22.92 -3.57 -2.14
N VAL A 137 -23.67 -4.24 -1.30
CA VAL A 137 -23.23 -5.51 -0.75
C VAL A 137 -23.38 -6.65 -1.72
N SER A 138 -24.14 -6.43 -2.79
CA SER A 138 -24.15 -7.37 -3.91
C SER A 138 -22.99 -7.08 -4.86
N ALA A 139 -22.57 -5.83 -4.95
CA ALA A 139 -21.36 -5.45 -5.68
C ALA A 139 -20.06 -5.79 -4.92
N LEU A 140 -20.15 -6.13 -3.63
CA LEU A 140 -19.02 -6.70 -2.90
C LEU A 140 -18.78 -8.17 -3.28
N ILE A 141 -19.82 -9.00 -3.12
CA ILE A 141 -19.79 -10.42 -3.45
C ILE A 141 -20.04 -10.59 -4.95
N SER A 142 -19.93 -9.50 -5.71
CA SER A 142 -20.12 -9.56 -7.15
C SER A 142 -19.15 -10.57 -7.78
N VAL A 143 -17.85 -10.38 -7.55
CA VAL A 143 -16.86 -11.28 -8.12
C VAL A 143 -16.06 -11.89 -6.97
N ILE A 144 -16.75 -12.34 -5.92
CA ILE A 144 -16.12 -13.13 -4.91
C ILE A 144 -15.79 -14.54 -5.46
N PRO A 145 -16.51 -15.00 -6.53
CA PRO A 145 -15.96 -16.11 -7.35
C PRO A 145 -15.17 -15.59 -8.55
N GLY A 146 -14.32 -16.42 -9.14
CA GLY A 146 -13.22 -15.92 -9.95
C GLY A 146 -12.07 -15.35 -9.16
N MET A 147 -12.32 -15.11 -7.87
CA MET A 147 -11.32 -14.77 -6.84
C MET A 147 -11.06 -15.96 -5.89
N LEU A 148 -12.06 -16.76 -5.60
CA LEU A 148 -11.99 -17.67 -4.45
C LEU A 148 -11.06 -18.85 -4.65
N SER A 149 -10.67 -19.15 -5.88
CA SER A 149 -9.63 -20.15 -6.11
C SER A 149 -8.27 -19.66 -5.63
N VAL A 150 -7.89 -18.46 -6.09
CA VAL A 150 -6.61 -17.87 -5.77
C VAL A 150 -6.59 -17.30 -4.33
N ILE A 151 -7.74 -17.25 -3.68
CA ILE A 151 -7.78 -17.32 -2.21
C ILE A 151 -7.27 -18.70 -1.80
N ALA A 152 -7.91 -19.76 -2.29
CA ALA A 152 -7.63 -21.13 -1.92
C ALA A 152 -6.27 -21.64 -2.37
N LEU A 153 -5.65 -21.03 -3.40
CA LEU A 153 -4.25 -21.28 -3.64
C LEU A 153 -3.37 -20.77 -2.51
N MET A 154 -3.28 -19.45 -2.39
CA MET A 154 -2.43 -18.82 -1.37
C MET A 154 -2.66 -19.47 0.00
N THR A 155 -3.92 -19.75 0.32
CA THR A 155 -4.21 -20.48 1.54
C THR A 155 -3.44 -21.80 1.62
N LEU A 156 -2.98 -22.32 0.49
CA LEU A 156 -1.96 -23.34 0.57
C LEU A 156 -0.59 -22.75 0.79
N PHE A 157 -0.29 -21.65 0.08
CA PHE A 157 1.02 -21.01 0.21
C PHE A 157 1.26 -20.51 1.64
N PHE A 158 0.26 -19.88 2.25
CA PHE A 158 0.32 -19.67 3.70
C PHE A 158 0.66 -20.97 4.35
N TYR A 159 -0.31 -21.87 4.43
CA TYR A 159 -0.15 -23.17 5.08
C TYR A 159 1.25 -23.75 4.92
N ILE A 160 1.78 -23.74 3.72
CA ILE A 160 3.09 -24.38 3.53
C ILE A 160 4.21 -23.62 4.19
N PHE A 161 4.39 -22.36 3.86
CA PHE A 161 5.39 -21.57 4.56
C PHE A 161 5.14 -21.60 6.08
N ALA A 162 3.88 -21.33 6.50
CA ALA A 162 3.42 -21.63 7.83
C ALA A 162 3.80 -23.02 8.39
N ILE A 163 4.37 -23.90 7.57
CA ILE A 163 4.89 -25.13 8.12
C ILE A 163 6.37 -24.93 8.41
N MET A 164 7.16 -24.79 7.36
CA MET A 164 8.61 -24.54 7.54
C MET A 164 8.88 -23.50 8.62
N ALA A 165 8.19 -22.36 8.53
CA ALA A 165 8.24 -21.34 9.58
C ALA A 165 8.29 -21.93 11.00
N THR A 166 7.27 -22.63 11.48
CA THR A 166 7.32 -23.34 12.73
C THR A 166 8.44 -24.36 12.71
N GLN A 167 8.55 -25.06 11.59
CA GLN A 167 9.56 -26.11 11.54
C GLN A 167 10.97 -25.58 11.41
N LEU A 168 11.10 -24.28 11.27
CA LEU A 168 12.42 -23.68 11.21
C LEU A 168 12.75 -22.69 12.27
N PHE A 169 11.75 -22.02 12.85
CA PHE A 169 11.99 -21.09 13.96
C PHE A 169 10.94 -21.27 15.03
N GLY A 170 10.96 -22.36 15.74
CA GLY A 170 9.97 -22.59 16.79
C GLY A 170 10.62 -22.82 18.11
N GLU A 171 11.85 -23.31 18.12
CA GLU A 171 12.55 -23.52 19.35
C GLU A 171 13.06 -22.21 19.96
N ARG A 172 13.65 -21.34 19.14
CA ARG A 172 14.16 -20.08 19.65
C ARG A 172 13.16 -18.94 19.57
N PHE A 173 12.05 -19.08 18.86
CA PHE A 173 11.08 -18.00 18.80
C PHE A 173 9.64 -18.45 18.98
N PRO A 174 9.29 -18.96 20.12
CA PRO A 174 7.93 -19.47 20.35
C PRO A 174 6.81 -18.43 20.27
N GLU A 175 7.08 -17.26 20.77
CA GLU A 175 6.07 -16.22 20.81
C GLU A 175 5.63 -15.89 19.43
N TRP A 176 6.56 -15.72 18.51
CA TRP A 176 6.18 -15.42 17.16
C TRP A 176 5.76 -16.65 16.39
N PHE A 177 6.59 -17.66 16.30
CA PHE A 177 6.22 -18.84 15.56
C PHE A 177 6.49 -20.14 16.31
N GLY A 178 5.67 -20.44 17.30
CA GLY A 178 5.84 -21.68 18.04
C GLY A 178 5.01 -22.80 17.47
N THR A 179 3.73 -22.53 17.31
CA THR A 179 2.80 -23.50 16.85
C THR A 179 2.34 -23.22 15.41
N LEU A 180 1.47 -24.05 14.89
CA LEU A 180 0.97 -23.81 13.53
C LEU A 180 0.26 -22.47 13.48
N GLY A 181 -0.61 -22.26 14.47
CA GLY A 181 -1.40 -21.05 14.52
C GLY A 181 -0.55 -19.83 14.75
N GLU A 182 0.44 -19.96 15.62
CA GLU A 182 1.31 -18.86 15.92
C GLU A 182 2.07 -18.48 14.69
N SER A 183 2.51 -19.42 13.89
CA SER A 183 3.19 -19.10 12.67
C SER A 183 2.28 -18.32 11.70
N PHE A 184 1.00 -18.67 11.63
CA PHE A 184 0.08 -17.96 10.73
C PHE A 184 -0.09 -16.51 11.07
N TYR A 185 -0.45 -16.22 12.31
CA TYR A 185 -0.66 -14.83 12.73
C TYR A 185 0.52 -13.92 12.46
N THR A 186 1.70 -14.51 12.33
CA THR A 186 2.88 -13.72 11.97
C THR A 186 2.94 -13.50 10.45
N LEU A 187 2.91 -14.56 9.66
CA LEU A 187 3.05 -14.40 8.20
C LEU A 187 2.00 -13.43 7.65
N PHE A 188 0.81 -13.37 8.26
CA PHE A 188 -0.19 -12.40 7.81
C PHE A 188 0.33 -10.97 8.05
N GLN A 189 0.84 -10.67 9.23
CA GLN A 189 1.55 -9.39 9.39
C GLN A 189 2.61 -9.23 8.33
N VAL A 190 3.59 -10.13 8.31
CA VAL A 190 4.67 -9.99 7.34
C VAL A 190 4.12 -9.59 6.00
N MET A 191 3.02 -10.25 5.63
CA MET A 191 2.26 -9.94 4.40
C MET A 191 1.72 -8.51 4.42
N THR A 192 0.84 -8.20 5.40
CA THR A 192 0.48 -6.80 5.58
C THR A 192 1.68 -5.96 5.93
N LEU A 193 2.86 -6.60 6.08
CA LEU A 193 4.18 -5.93 6.15
C LEU A 193 4.29 -5.03 7.40
N ASP A 194 3.60 -5.36 8.51
CA ASP A 194 3.52 -4.38 9.60
C ASP A 194 4.74 -4.44 10.56
N ASP A 195 5.68 -3.56 10.28
CA ASP A 195 7.01 -3.60 10.77
C ASP A 195 7.59 -4.96 10.65
N TRP A 196 7.63 -5.48 9.44
CA TRP A 196 8.27 -6.79 9.25
C TRP A 196 9.77 -6.85 9.52
N SER A 197 10.59 -5.85 9.12
CA SER A 197 12.03 -6.04 9.19
C SER A 197 12.69 -5.99 10.42
N ASN A 198 12.51 -4.96 11.20
CA ASN A 198 13.09 -4.99 12.50
C ASN A 198 12.14 -5.47 13.57
N GLY A 199 10.86 -5.47 13.24
CA GLY A 199 9.84 -6.00 14.13
C GLY A 199 9.94 -7.51 14.28
N ILE A 200 10.28 -8.18 13.18
CA ILE A 200 10.32 -9.62 13.11
C ILE A 200 11.50 -10.31 12.44
N VAL A 201 12.20 -9.69 11.54
CA VAL A 201 13.24 -10.41 10.85
C VAL A 201 14.66 -10.01 11.19
N ARG A 202 14.82 -8.77 11.69
CA ARG A 202 16.14 -8.38 12.10
C ARG A 202 16.56 -9.23 13.32
N PRO A 203 15.64 -9.51 14.24
CA PRO A 203 15.85 -10.42 15.30
C PRO A 203 16.19 -11.88 14.94
N LEU A 204 15.43 -12.55 14.12
CA LEU A 204 15.69 -13.96 13.84
C LEU A 204 17.00 -14.11 13.22
N MET A 205 17.29 -13.15 12.39
CA MET A 205 18.57 -13.11 11.73
C MET A 205 19.73 -13.19 12.70
N GLU A 206 19.43 -13.15 14.03
CA GLU A 206 20.49 -13.26 15.04
C GLU A 206 20.79 -14.72 15.42
N VAL A 207 19.81 -15.41 15.96
CA VAL A 207 20.02 -16.84 16.14
C VAL A 207 20.32 -17.50 14.79
N TYR A 208 19.57 -17.08 13.75
CA TYR A 208 19.68 -17.70 12.40
C TYR A 208 20.02 -16.60 11.40
N PRO A 209 21.25 -16.53 10.93
CA PRO A 209 21.67 -15.45 10.02
C PRO A 209 21.04 -15.39 8.66
N TYR A 210 20.55 -16.52 8.20
CA TYR A 210 20.07 -16.65 6.82
C TYR A 210 18.58 -16.55 6.67
N ALA A 211 17.85 -16.09 7.65
CA ALA A 211 16.39 -16.09 7.54
C ALA A 211 15.76 -15.09 6.53
N TYR A 212 16.58 -14.29 5.86
CA TYR A 212 16.09 -13.35 4.87
C TYR A 212 15.46 -14.07 3.67
N VAL A 213 16.05 -15.20 3.27
CA VAL A 213 15.62 -15.92 2.10
C VAL A 213 14.16 -16.39 2.20
N PHE A 214 13.71 -16.72 3.38
CA PHE A 214 12.39 -17.08 3.69
C PHE A 214 11.43 -15.90 3.54
N PHE A 215 11.91 -14.66 3.56
CA PHE A 215 10.92 -13.57 3.58
C PHE A 215 11.05 -12.64 2.38
N ILE A 216 12.28 -12.26 2.03
CA ILE A 216 12.45 -11.56 0.78
C ILE A 216 11.77 -12.28 -0.40
N PRO A 217 12.07 -13.59 -0.62
CA PRO A 217 11.17 -14.34 -1.49
C PRO A 217 9.74 -14.20 -1.02
N PHE A 218 9.35 -14.88 0.07
CA PHE A 218 7.94 -14.96 0.42
C PHE A 218 7.25 -13.63 0.34
N ILE A 219 7.94 -12.52 0.62
CA ILE A 219 7.29 -11.21 0.60
C ILE A 219 6.82 -10.90 -0.81
N PHE A 220 7.70 -11.18 -1.80
CA PHE A 220 7.29 -11.04 -3.19
C PHE A 220 6.02 -11.90 -3.46
N VAL A 221 6.13 -13.22 -3.23
CA VAL A 221 5.11 -14.14 -3.71
C VAL A 221 3.74 -13.71 -3.21
N VAL A 222 3.63 -13.44 -1.90
CA VAL A 222 2.34 -13.00 -1.43
C VAL A 222 1.92 -11.67 -2.11
N THR A 223 2.85 -10.69 -2.19
CA THR A 223 2.42 -9.46 -2.77
C THR A 223 2.32 -9.50 -4.31
N PHE A 224 3.20 -10.25 -4.98
CA PHE A 224 3.07 -10.43 -6.41
C PHE A 224 1.73 -11.09 -6.74
N VAL A 225 1.42 -12.19 -6.08
CA VAL A 225 0.06 -12.77 -6.18
C VAL A 225 -1.01 -11.72 -5.91
N MET A 226 -1.02 -11.21 -4.67
CA MET A 226 -2.02 -10.25 -4.23
C MET A 226 -2.11 -9.02 -5.12
N ILE A 227 -1.09 -8.75 -5.92
CA ILE A 227 -1.16 -7.68 -6.89
C ILE A 227 -1.78 -8.14 -8.20
N ASN A 228 -1.30 -9.21 -8.76
CA ASN A 228 -1.87 -9.68 -10.02
C ASN A 228 -3.32 -9.96 -9.86
N LEU A 229 -3.76 -10.27 -8.64
CA LEU A 229 -5.16 -10.48 -8.38
C LEU A 229 -5.97 -9.21 -8.67
N VAL A 230 -5.35 -8.06 -8.38
CA VAL A 230 -5.92 -6.74 -8.64
C VAL A 230 -6.07 -6.37 -10.13
N VAL A 231 -5.08 -6.70 -10.95
CA VAL A 231 -5.17 -6.35 -12.38
C VAL A 231 -5.92 -7.40 -13.21
N ALA A 232 -6.10 -8.59 -12.66
CA ALA A 232 -6.73 -9.68 -13.37
C ALA A 232 -8.22 -9.72 -13.10
N ILE A 233 -8.78 -8.67 -12.50
CA ILE A 233 -10.18 -8.59 -12.28
C ILE A 233 -10.72 -7.39 -13.03
N ILE A 234 -9.93 -6.36 -13.26
CA ILE A 234 -10.47 -5.12 -13.81
C ILE A 234 -11.13 -5.32 -15.16
N VAL A 235 -10.45 -5.96 -16.09
CA VAL A 235 -11.05 -6.21 -17.40
C VAL A 235 -12.44 -6.86 -17.25
N ASP A 236 -12.71 -7.41 -16.05
CA ASP A 236 -14.00 -7.96 -15.69
C ASP A 236 -14.64 -7.18 -14.54
N MET B 18 -21.19 52.64 -12.48
CA MET B 18 -21.36 51.84 -11.28
C MET B 18 -21.25 50.34 -11.52
N TYR B 19 -20.99 49.99 -12.76
CA TYR B 19 -20.91 48.62 -13.16
C TYR B 19 -19.78 48.47 -14.10
N LEU B 20 -19.95 49.19 -15.19
CA LEU B 20 -19.09 49.18 -16.35
C LEU B 20 -17.65 49.58 -16.16
N ARG B 21 -17.40 50.64 -15.41
CA ARG B 21 -16.03 51.04 -15.20
C ARG B 21 -15.54 49.94 -14.36
N ILE B 22 -16.37 49.57 -13.38
CA ILE B 22 -15.99 48.53 -12.47
C ILE B 22 -15.92 47.13 -13.04
N THR B 23 -16.83 46.73 -13.91
CA THR B 23 -16.82 45.38 -14.44
C THR B 23 -15.55 45.07 -15.18
N ASN B 24 -15.10 46.02 -15.96
CA ASN B 24 -13.89 45.85 -16.69
C ASN B 24 -12.64 45.72 -15.83
N ILE B 25 -12.54 46.41 -14.71
CA ILE B 25 -11.32 46.32 -13.92
C ILE B 25 -11.02 44.97 -13.30
N VAL B 26 -11.96 44.43 -12.55
CA VAL B 26 -11.80 43.13 -11.87
C VAL B 26 -11.35 42.03 -12.84
N GLU B 27 -12.02 41.94 -13.97
CA GLU B 27 -11.76 40.96 -15.03
C GLU B 27 -10.41 41.14 -15.73
N SER B 28 -9.45 41.92 -15.23
CA SER B 28 -8.34 42.26 -16.06
C SER B 28 -7.37 41.09 -16.22
N SER B 29 -6.30 41.35 -16.93
CA SER B 29 -5.30 40.33 -17.17
C SER B 29 -4.30 40.23 -16.00
N PHE B 30 -3.84 41.38 -15.49
CA PHE B 30 -2.78 41.42 -14.49
C PHE B 30 -3.30 41.64 -13.07
N PHE B 31 -4.55 42.09 -12.89
CA PHE B 31 -5.12 42.18 -11.58
C PHE B 31 -5.23 40.77 -10.95
N THR B 32 -5.71 39.81 -11.73
CA THR B 32 -5.51 38.41 -11.37
C THR B 32 -4.02 38.14 -11.14
N LYS B 33 -3.20 38.37 -12.15
CA LYS B 33 -1.75 38.22 -12.00
C LYS B 33 -1.18 39.08 -10.89
N PHE B 34 -1.97 39.99 -10.32
CA PHE B 34 -1.63 40.77 -9.16
C PHE B 34 -2.07 40.05 -7.89
N ILE B 35 -3.35 39.75 -7.75
CA ILE B 35 -3.78 38.93 -6.64
C ILE B 35 -3.23 37.52 -6.78
N ILE B 36 -2.76 37.12 -7.95
CA ILE B 36 -1.88 35.96 -8.04
C ILE B 36 -0.46 36.33 -7.70
N TYR B 37 -0.06 37.57 -8.01
CA TYR B 37 1.25 38.04 -7.56
C TYR B 37 1.29 38.28 -6.05
N LEU B 38 0.12 38.45 -5.40
CA LEU B 38 0.10 38.55 -3.96
C LEU B 38 0.04 37.18 -3.29
N ILE B 39 -0.91 36.34 -3.70
CA ILE B 39 -1.05 35.00 -3.22
C ILE B 39 0.32 34.34 -3.15
N VAL B 40 1.05 34.44 -4.27
CA VAL B 40 2.39 33.88 -4.35
C VAL B 40 3.40 34.60 -3.49
N LEU B 41 3.07 35.79 -2.97
CA LEU B 41 3.98 36.53 -2.10
C LEU B 41 3.78 36.33 -0.62
N ASN B 42 2.55 36.37 -0.16
CA ASN B 42 2.31 36.17 1.26
C ASN B 42 2.84 34.79 1.62
N GLY B 43 2.72 33.86 0.67
CA GLY B 43 3.10 32.52 0.90
C GLY B 43 4.59 32.30 1.18
N ILE B 44 5.40 33.35 1.01
CA ILE B 44 6.81 33.19 1.14
C ILE B 44 7.27 33.82 2.47
N THR B 45 6.55 34.86 2.89
CA THR B 45 6.79 35.43 4.22
C THR B 45 6.41 34.39 5.30
N MET B 46 5.28 33.71 5.10
CA MET B 46 4.85 32.65 5.99
C MET B 46 5.94 31.58 6.18
N GLY B 47 6.65 31.26 5.09
CA GLY B 47 7.79 30.40 5.19
C GLY B 47 8.98 31.04 5.94
N LEU B 48 8.96 32.35 6.09
CA LEU B 48 9.96 33.02 6.94
C LEU B 48 9.44 33.34 8.33
N GLU B 49 8.17 33.75 8.41
CA GLU B 49 7.43 33.83 9.68
C GLU B 49 7.79 32.64 10.58
N THR B 50 7.91 31.44 9.98
CA THR B 50 8.25 30.23 10.75
C THR B 50 9.55 30.40 11.53
N SER B 51 10.67 30.47 10.84
CA SER B 51 11.93 30.46 11.57
C SER B 51 12.14 31.85 12.18
N LYS B 52 12.06 31.94 13.49
CA LYS B 52 12.18 33.20 14.22
C LYS B 52 13.60 33.74 14.18
N THR B 53 14.51 33.08 13.45
CA THR B 53 15.76 33.71 13.08
C THR B 53 15.52 34.83 12.07
N PHE B 54 14.64 34.59 11.11
CA PHE B 54 14.15 35.67 10.23
C PHE B 54 13.38 36.72 11.02
N MET B 55 12.43 36.28 11.84
CA MET B 55 11.39 37.18 12.33
C MET B 55 11.98 38.24 13.30
N GLN B 56 13.08 37.88 13.96
CA GLN B 56 13.78 38.82 14.84
C GLN B 56 14.78 39.69 14.09
N SER B 57 14.89 39.54 12.78
CA SER B 57 15.69 40.44 11.95
C SER B 57 14.85 41.17 10.89
N PHE B 58 13.57 40.81 10.71
CA PHE B 58 12.70 41.49 9.78
C PHE B 58 11.26 41.25 10.21
N GLY B 59 10.97 41.51 11.47
CA GLY B 59 9.66 41.25 12.06
C GLY B 59 8.52 42.09 11.53
N VAL B 60 8.43 43.35 11.95
CA VAL B 60 7.28 44.17 11.61
C VAL B 60 6.92 44.11 10.13
N TYR B 61 7.96 43.98 9.30
CA TYR B 61 7.82 43.69 7.88
C TYR B 61 6.76 42.62 7.64
N THR B 62 7.09 41.37 7.94
CA THR B 62 6.15 40.28 7.70
C THR B 62 4.83 40.49 8.44
N THR B 63 4.89 40.94 9.67
CA THR B 63 3.70 41.12 10.47
C THR B 63 2.73 42.08 9.79
N LEU B 64 3.18 43.28 9.46
CA LEU B 64 2.31 44.26 8.85
C LEU B 64 2.14 44.06 7.33
N PHE B 65 3.10 43.40 6.68
CA PHE B 65 2.82 42.90 5.32
C PHE B 65 1.74 41.83 5.32
N ASN B 66 1.51 41.23 6.49
CA ASN B 66 0.43 40.28 6.65
C ASN B 66 -0.91 40.92 6.95
N GLN B 67 -0.93 42.25 7.10
CA GLN B 67 -2.15 43.03 7.21
C GLN B 67 -2.44 43.84 5.96
N ILE B 68 -1.42 44.29 5.25
CA ILE B 68 -1.64 45.02 4.02
C ILE B 68 -2.05 44.10 2.87
N VAL B 69 -1.46 42.89 2.84
CA VAL B 69 -1.91 41.89 1.87
C VAL B 69 -3.37 41.49 2.13
N ILE B 70 -3.78 41.41 3.41
CA ILE B 70 -5.08 40.82 3.70
C ILE B 70 -6.19 41.74 3.23
N THR B 71 -5.89 42.97 2.80
CA THR B 71 -6.95 43.87 2.41
C THR B 71 -7.23 43.89 0.92
N ILE B 72 -6.19 43.79 0.07
CA ILE B 72 -6.45 43.67 -1.34
C ILE B 72 -7.35 42.46 -1.62
N PHE B 73 -7.16 41.39 -0.86
CA PHE B 73 -8.03 40.23 -0.99
C PHE B 73 -9.42 40.55 -0.54
N THR B 74 -9.62 41.59 0.28
CA THR B 74 -10.95 41.91 0.77
C THR B 74 -11.69 42.89 -0.15
N ILE B 75 -10.98 43.83 -0.77
CA ILE B 75 -11.58 44.57 -1.85
C ILE B 75 -11.85 43.64 -3.03
N GLU B 76 -10.89 42.81 -3.38
CA GLU B 76 -10.99 41.90 -4.49
C GLU B 76 -12.26 41.06 -4.35
N ILE B 77 -12.50 40.54 -3.16
CA ILE B 77 -13.70 39.72 -2.95
C ILE B 77 -14.97 40.58 -3.17
N ILE B 78 -15.05 41.71 -2.51
CA ILE B 78 -16.27 42.53 -2.59
C ILE B 78 -16.39 43.24 -3.94
N LEU B 79 -15.26 43.52 -4.61
CA LEU B 79 -15.33 43.93 -6.00
C LEU B 79 -16.01 42.87 -6.85
N ARG B 80 -15.51 41.65 -6.79
CA ARG B 80 -16.08 40.53 -7.46
C ARG B 80 -17.56 40.33 -7.06
N ILE B 81 -17.89 40.62 -5.80
CA ILE B 81 -19.26 40.49 -5.35
C ILE B 81 -20.19 41.45 -6.11
N TYR B 82 -19.79 42.70 -6.27
CA TYR B 82 -20.58 43.70 -7.00
C TYR B 82 -20.70 43.41 -8.45
N VAL B 83 -19.64 42.91 -9.04
CA VAL B 83 -19.68 42.59 -10.46
C VAL B 83 -20.67 41.44 -10.73
N HIS B 84 -20.50 40.33 -10.00
CA HIS B 84 -21.31 39.14 -10.31
C HIS B 84 -22.70 39.14 -9.64
N ARG B 85 -22.73 39.50 -8.36
CA ARG B 85 -23.96 39.44 -7.54
C ARG B 85 -24.42 38.01 -7.39
N ILE B 86 -25.66 37.67 -7.74
CA ILE B 86 -26.21 36.36 -7.46
C ILE B 86 -25.26 35.18 -7.79
N SER B 87 -24.47 35.32 -8.85
CA SER B 87 -23.64 34.23 -9.31
C SER B 87 -22.34 34.09 -8.51
N PHE B 88 -21.92 35.15 -7.81
CA PHE B 88 -20.79 35.02 -6.89
C PHE B 88 -21.08 34.01 -5.79
N PHE B 89 -22.33 33.99 -5.34
CA PHE B 89 -22.81 33.09 -4.32
C PHE B 89 -23.52 31.86 -4.90
N LYS B 90 -23.14 31.49 -6.12
CA LYS B 90 -23.32 30.14 -6.64
C LYS B 90 -22.01 29.64 -7.25
N ASP B 91 -20.92 30.09 -6.68
CA ASP B 91 -19.59 29.63 -7.06
C ASP B 91 -18.86 29.07 -5.82
N PRO B 92 -18.68 27.73 -5.75
CA PRO B 92 -17.93 27.17 -4.61
C PRO B 92 -16.51 27.76 -4.53
N TRP B 93 -15.87 27.99 -5.69
CA TRP B 93 -14.56 28.58 -5.73
C TRP B 93 -14.51 29.97 -5.13
N SER B 94 -15.62 30.69 -5.24
CA SER B 94 -15.76 32.00 -4.64
C SER B 94 -16.35 31.93 -3.26
N LEU B 95 -17.35 31.09 -3.06
CA LEU B 95 -17.81 30.81 -1.70
C LEU B 95 -16.64 30.33 -0.86
N PHE B 96 -15.85 29.40 -1.40
CA PHE B 96 -14.61 29.04 -0.72
C PHE B 96 -13.70 30.24 -0.58
N ASP B 97 -13.60 31.08 -1.60
CA ASP B 97 -12.91 32.37 -1.44
C ASP B 97 -13.55 33.21 -0.36
N PHE B 98 -14.86 33.32 -0.40
CA PHE B 98 -15.61 33.93 0.69
C PHE B 98 -15.27 33.20 1.99
N PHE B 99 -15.45 31.87 2.01
CA PHE B 99 -15.06 31.05 3.15
C PHE B 99 -13.69 31.45 3.64
N VAL B 100 -12.67 31.22 2.82
CA VAL B 100 -11.30 31.40 3.28
C VAL B 100 -11.06 32.85 3.71
N VAL B 101 -11.22 33.79 2.80
CA VAL B 101 -10.74 35.15 3.03
C VAL B 101 -11.36 35.74 4.29
N ALA B 102 -12.62 35.38 4.58
CA ALA B 102 -13.29 35.96 5.74
C ALA B 102 -12.80 35.29 7.03
N ILE B 103 -12.50 33.98 7.00
CA ILE B 103 -11.96 33.31 8.19
C ILE B 103 -10.78 34.06 8.80
N SER B 104 -10.04 34.77 7.95
CA SER B 104 -9.00 35.69 8.42
C SER B 104 -9.56 36.99 8.95
N LEU B 105 -10.79 37.34 8.60
CA LEU B 105 -11.37 38.61 9.04
C LEU B 105 -11.66 38.65 10.54
N VAL B 106 -11.89 37.48 11.13
CA VAL B 106 -12.07 37.39 12.58
C VAL B 106 -10.75 37.82 13.26
N PRO B 107 -10.82 38.46 14.41
CA PRO B 107 -9.56 38.84 15.05
C PRO B 107 -8.86 37.67 15.73
N THR B 108 -8.12 36.92 14.92
CA THR B 108 -7.34 35.78 15.36
C THR B 108 -6.21 36.22 16.30
N SER B 109 -5.65 37.38 16.05
CA SER B 109 -4.66 37.96 16.96
C SER B 109 -5.39 38.29 18.25
N SER B 110 -4.70 38.10 19.38
CA SER B 110 -5.21 38.23 20.76
C SER B 110 -6.39 37.28 20.96
N GLY B 111 -6.22 36.06 20.49
CA GLY B 111 -7.26 35.04 20.54
C GLY B 111 -6.74 33.60 20.52
N PHE B 112 -7.65 32.70 20.17
CA PHE B 112 -7.40 31.27 20.10
C PHE B 112 -6.33 30.91 19.09
N GLU B 113 -5.51 29.94 19.42
CA GLU B 113 -4.48 29.48 18.48
C GLU B 113 -5.01 29.44 17.05
N ILE B 114 -6.23 28.94 16.88
CA ILE B 114 -6.61 28.36 15.60
C ILE B 114 -6.59 29.38 14.48
N LEU B 115 -7.57 30.27 14.44
CA LEU B 115 -7.77 31.16 13.31
C LEU B 115 -6.50 31.89 12.89
N ARG B 116 -5.58 32.10 13.82
CA ARG B 116 -4.23 32.49 13.43
C ARG B 116 -3.64 31.51 12.42
N VAL B 117 -3.80 30.21 12.68
CA VAL B 117 -3.23 29.18 11.83
C VAL B 117 -4.26 28.65 10.81
N LEU B 118 -5.51 29.14 10.86
CA LEU B 118 -6.43 28.94 9.78
C LEU B 118 -6.35 30.04 8.70
N ARG B 119 -5.89 31.23 9.10
CA ARG B 119 -5.64 32.30 8.14
C ARG B 119 -4.67 31.87 7.06
N VAL B 120 -3.86 30.84 7.30
CA VAL B 120 -2.96 30.36 6.26
C VAL B 120 -3.69 29.56 5.20
N LEU B 121 -4.98 29.32 5.38
CA LEU B 121 -5.79 28.72 4.34
C LEU B 121 -6.05 29.62 3.15
N ARG B 122 -5.48 30.83 3.17
CA ARG B 122 -5.48 31.72 2.03
C ARG B 122 -4.43 31.35 1.00
N LEU B 123 -3.64 30.33 1.26
CA LEU B 123 -2.81 29.75 0.21
C LEU B 123 -3.51 28.64 -0.53
N PHE B 124 -4.60 28.11 0.04
CA PHE B 124 -5.64 27.40 -0.74
C PHE B 124 -6.14 28.26 -1.88
N ARG B 125 -5.78 29.56 -1.91
CA ARG B 125 -6.36 30.48 -2.87
C ARG B 125 -5.62 30.50 -4.22
N LEU B 126 -4.32 30.23 -4.20
CA LEU B 126 -3.61 29.92 -5.45
C LEU B 126 -4.36 28.84 -6.26
N VAL B 127 -4.79 27.77 -5.57
CA VAL B 127 -5.69 26.82 -6.18
C VAL B 127 -6.88 27.55 -6.81
N THR B 128 -7.56 28.36 -6.03
CA THR B 128 -8.66 29.09 -6.61
C THR B 128 -8.20 29.98 -7.77
N ALA B 129 -6.99 30.51 -7.65
CA ALA B 129 -6.57 31.61 -8.50
C ALA B 129 -6.08 31.17 -9.87
N VAL B 130 -5.17 30.20 -9.91
CA VAL B 130 -4.64 29.72 -11.18
C VAL B 130 -5.65 28.78 -11.82
N PRO B 131 -5.97 28.97 -13.11
CA PRO B 131 -7.04 28.17 -13.74
C PRO B 131 -6.87 26.65 -13.63
N GLN B 132 -6.09 26.05 -14.53
CA GLN B 132 -6.11 24.61 -14.73
C GLN B 132 -6.03 23.80 -13.44
N MET B 133 -5.50 24.39 -12.37
CA MET B 133 -5.63 23.84 -11.04
C MET B 133 -7.06 23.71 -10.57
N ARG B 134 -8.03 24.28 -11.27
CA ARG B 134 -9.42 24.14 -10.92
C ARG B 134 -10.17 23.12 -11.75
N LYS B 135 -9.51 22.52 -12.75
CA LYS B 135 -10.05 21.36 -13.43
C LYS B 135 -9.64 20.04 -12.72
N ILE B 136 -8.34 19.88 -12.53
CA ILE B 136 -7.83 18.66 -11.91
C ILE B 136 -8.29 18.53 -10.45
N VAL B 137 -8.34 19.66 -9.74
CA VAL B 137 -8.99 19.65 -8.45
C VAL B 137 -10.38 19.10 -8.56
N SER B 138 -11.09 19.48 -9.64
CA SER B 138 -12.45 19.04 -9.91
C SER B 138 -12.50 17.66 -10.57
N ALA B 139 -11.53 17.33 -11.43
CA ALA B 139 -11.35 15.95 -11.86
C ALA B 139 -11.22 14.99 -10.69
N LEU B 140 -10.79 15.54 -9.52
CA LEU B 140 -10.72 14.78 -8.28
C LEU B 140 -12.00 14.87 -7.46
N ILE B 141 -12.65 16.02 -7.44
CA ILE B 141 -14.00 16.16 -6.86
C ILE B 141 -15.02 15.55 -7.85
N SER B 142 -14.57 15.01 -8.97
CA SER B 142 -15.52 14.41 -9.88
C SER B 142 -15.56 12.92 -9.56
N VAL B 143 -15.14 12.55 -8.35
CA VAL B 143 -15.03 11.15 -8.04
C VAL B 143 -15.93 10.72 -6.89
N ILE B 144 -16.31 11.63 -6.00
CA ILE B 144 -16.97 11.24 -4.81
C ILE B 144 -18.44 10.80 -5.02
N PRO B 145 -19.14 11.28 -6.08
CA PRO B 145 -20.55 10.84 -6.25
C PRO B 145 -20.77 9.33 -6.30
N GLY B 146 -19.99 8.61 -7.08
CA GLY B 146 -20.04 7.16 -7.08
C GLY B 146 -19.57 6.57 -5.76
N MET B 147 -18.73 7.30 -5.04
CA MET B 147 -18.15 6.75 -3.82
C MET B 147 -18.97 7.05 -2.58
N LEU B 148 -19.81 8.09 -2.58
CA LEU B 148 -20.69 8.32 -1.45
C LEU B 148 -21.66 7.16 -1.21
N SER B 149 -21.72 6.22 -2.17
CA SER B 149 -22.43 4.97 -2.00
C SER B 149 -21.61 3.98 -1.16
N VAL B 150 -20.32 3.80 -1.48
CA VAL B 150 -19.50 2.98 -0.65
C VAL B 150 -19.16 3.66 0.69
N ILE B 151 -18.88 4.97 0.64
CA ILE B 151 -18.40 5.70 1.79
C ILE B 151 -19.34 5.48 2.99
N ALA B 152 -20.65 5.35 2.73
CA ALA B 152 -21.60 5.20 3.83
C ALA B 152 -21.67 3.77 4.32
N LEU B 153 -21.43 2.78 3.47
CA LEU B 153 -21.35 1.43 4.02
C LEU B 153 -20.28 1.34 5.07
N MET B 154 -19.10 1.87 4.75
CA MET B 154 -18.00 1.95 5.71
C MET B 154 -18.44 2.55 7.06
N THR B 155 -18.87 3.81 7.02
CA THR B 155 -19.20 4.56 8.23
C THR B 155 -20.08 3.75 9.19
N LEU B 156 -20.91 2.85 8.66
CA LEU B 156 -21.62 1.93 9.55
C LEU B 156 -20.80 0.70 9.90
N PHE B 157 -19.91 0.26 9.04
CA PHE B 157 -19.15 -0.92 9.37
C PHE B 157 -18.28 -0.61 10.61
N PHE B 158 -17.91 0.69 10.71
CA PHE B 158 -17.06 1.16 11.79
C PHE B 158 -17.82 1.59 12.99
N TYR B 159 -19.07 2.06 12.85
CA TYR B 159 -19.92 2.30 14.02
C TYR B 159 -20.15 0.99 14.76
N ILE B 160 -20.37 -0.10 14.02
CA ILE B 160 -20.77 -1.34 14.61
C ILE B 160 -19.56 -2.11 15.14
N PHE B 161 -18.42 -2.02 14.49
CA PHE B 161 -17.28 -2.73 15.02
C PHE B 161 -16.50 -1.94 16.03
N ALA B 162 -16.57 -0.60 15.98
CA ALA B 162 -16.03 0.21 17.05
C ALA B 162 -16.66 -0.09 18.40
N ILE B 163 -17.99 -0.28 18.42
CA ILE B 163 -18.68 -0.56 19.68
C ILE B 163 -18.28 -1.93 20.23
N MET B 164 -18.47 -2.98 19.46
CA MET B 164 -18.00 -4.31 19.86
C MET B 164 -16.59 -4.25 20.47
N ALA B 165 -15.81 -3.25 20.05
CA ALA B 165 -14.49 -3.00 20.60
C ALA B 165 -14.57 -2.41 21.98
N THR B 166 -15.12 -1.20 22.14
CA THR B 166 -15.24 -0.56 23.44
C THR B 166 -15.61 -1.56 24.54
N GLN B 167 -16.55 -2.42 24.25
CA GLN B 167 -16.98 -3.37 25.24
C GLN B 167 -15.96 -4.40 25.70
N LEU B 168 -15.38 -5.14 24.74
CA LEU B 168 -14.48 -6.21 25.08
C LEU B 168 -13.11 -5.83 25.65
N PHE B 169 -12.57 -4.72 25.20
CA PHE B 169 -11.28 -4.20 25.57
C PHE B 169 -11.67 -3.08 26.49
N GLY B 170 -11.56 -1.82 26.08
CA GLY B 170 -12.17 -0.77 26.87
C GLY B 170 -11.71 -0.37 28.26
N GLU B 171 -11.70 -1.30 29.17
CA GLU B 171 -11.19 -1.00 30.50
C GLU B 171 -9.69 -1.32 30.48
N ARG B 172 -9.39 -2.50 29.96
CA ARG B 172 -8.02 -2.96 29.89
C ARG B 172 -7.24 -2.09 28.95
N PHE B 173 -7.83 -1.70 27.85
CA PHE B 173 -7.14 -0.91 26.87
C PHE B 173 -7.88 0.35 26.45
N PRO B 174 -8.10 1.24 27.38
CA PRO B 174 -8.81 2.49 27.23
C PRO B 174 -8.23 3.54 26.33
N GLU B 175 -6.90 3.60 26.26
CA GLU B 175 -6.22 4.60 25.44
C GLU B 175 -6.59 4.33 24.00
N TRP B 176 -6.59 3.06 23.65
CA TRP B 176 -6.99 2.61 22.31
C TRP B 176 -8.42 2.41 21.95
N PHE B 177 -9.18 1.74 22.81
CA PHE B 177 -10.56 1.44 22.59
C PHE B 177 -11.32 1.68 23.91
N GLY B 178 -11.45 2.91 24.34
CA GLY B 178 -12.10 3.19 25.57
C GLY B 178 -13.43 3.76 25.19
N THR B 179 -13.47 5.07 25.09
CA THR B 179 -14.66 5.70 24.61
C THR B 179 -14.76 5.45 23.12
N LEU B 180 -15.96 5.46 22.57
CA LEU B 180 -16.21 5.07 21.19
C LEU B 180 -15.40 5.79 20.17
N GLY B 181 -15.18 7.09 20.33
CA GLY B 181 -14.36 7.80 19.38
C GLY B 181 -12.96 7.19 19.41
N GLU B 182 -12.47 6.91 20.60
CA GLU B 182 -11.20 6.23 20.74
C GLU B 182 -11.20 4.90 20.07
N SER B 183 -12.33 4.19 20.08
CA SER B 183 -12.39 3.03 19.20
C SER B 183 -12.36 3.48 17.73
N PHE B 184 -12.95 4.63 17.39
CA PHE B 184 -12.88 5.14 16.03
C PHE B 184 -11.47 5.45 15.57
N TYR B 185 -10.73 6.12 16.43
CA TYR B 185 -9.35 6.47 16.16
C TYR B 185 -8.51 5.21 15.99
N THR B 186 -8.79 4.18 16.79
CA THR B 186 -7.93 2.99 16.71
C THR B 186 -8.42 2.08 15.59
N LEU B 187 -9.71 2.08 15.28
CA LEU B 187 -10.17 1.34 14.08
C LEU B 187 -9.55 1.89 12.81
N PHE B 188 -9.57 3.23 12.63
CA PHE B 188 -8.93 3.83 11.49
C PHE B 188 -7.45 3.40 11.39
N GLN B 189 -6.76 3.35 12.56
CA GLN B 189 -5.33 3.10 12.54
C GLN B 189 -5.08 1.66 12.08
N VAL B 190 -5.88 0.74 12.61
CA VAL B 190 -5.76 -0.63 12.14
C VAL B 190 -5.91 -0.64 10.62
N MET B 191 -6.90 0.11 10.13
CA MET B 191 -7.27 0.06 8.73
C MET B 191 -6.09 0.41 7.77
N THR B 192 -5.46 1.54 8.00
CA THR B 192 -4.29 1.84 7.20
C THR B 192 -3.19 0.86 7.48
N LEU B 193 -3.44 -0.07 8.44
CA LEU B 193 -2.51 -1.10 8.85
C LEU B 193 -1.17 -0.53 9.37
N ASP B 194 -1.26 0.42 10.35
CA ASP B 194 -0.13 1.19 10.87
C ASP B 194 0.33 0.69 12.24
N ASP B 195 1.34 -0.17 12.24
CA ASP B 195 1.90 -0.68 13.49
C ASP B 195 0.88 -1.52 14.27
N TRP B 196 -0.18 -1.92 13.59
CA TRP B 196 -1.24 -2.70 14.16
C TRP B 196 -0.77 -4.09 14.55
N SER B 197 0.13 -4.66 13.76
CA SER B 197 0.48 -6.03 14.02
C SER B 197 0.95 -6.28 15.48
N ASN B 198 2.10 -5.65 15.78
CA ASN B 198 2.85 -5.69 17.04
C ASN B 198 2.31 -4.69 18.06
N GLY B 199 1.64 -3.63 17.57
CA GLY B 199 1.33 -2.48 18.44
C GLY B 199 0.05 -2.63 19.27
N ILE B 200 -0.97 -3.25 18.67
CA ILE B 200 -2.36 -3.12 19.12
C ILE B 200 -3.00 -4.49 19.18
N VAL B 201 -2.66 -5.41 18.30
CA VAL B 201 -3.39 -6.66 18.31
C VAL B 201 -2.73 -7.68 19.20
N ARG B 202 -1.41 -7.88 19.01
CA ARG B 202 -0.51 -8.61 19.93
C ARG B 202 -0.92 -8.13 21.31
N PRO B 203 -0.51 -6.91 21.75
CA PRO B 203 -0.76 -6.52 23.15
C PRO B 203 -2.16 -6.88 23.66
N LEU B 204 -3.16 -6.85 22.77
CA LEU B 204 -4.50 -7.37 23.10
C LEU B 204 -4.50 -8.87 23.25
N MET B 205 -3.91 -9.58 22.28
CA MET B 205 -3.86 -11.04 22.30
C MET B 205 -3.17 -11.62 23.52
N GLU B 206 -2.39 -10.80 24.23
CA GLU B 206 -1.75 -11.17 25.46
C GLU B 206 -2.53 -10.94 26.75
N VAL B 207 -3.82 -10.62 26.68
CA VAL B 207 -4.68 -10.75 27.83
C VAL B 207 -6.04 -11.32 27.36
N TYR B 208 -6.52 -10.84 26.22
CA TYR B 208 -7.64 -11.48 25.50
C TYR B 208 -7.04 -12.11 24.24
N PRO B 209 -6.67 -13.39 24.34
CA PRO B 209 -5.94 -14.00 23.21
C PRO B 209 -6.75 -14.18 21.91
N TYR B 210 -8.07 -14.30 22.01
CA TYR B 210 -8.97 -14.45 20.88
C TYR B 210 -9.38 -13.10 20.28
N ALA B 211 -8.57 -12.08 20.41
CA ALA B 211 -8.98 -10.81 19.85
C ALA B 211 -8.70 -10.69 18.33
N TYR B 212 -7.93 -11.60 17.77
CA TYR B 212 -7.62 -11.76 16.36
C TYR B 212 -8.82 -12.24 15.55
N VAL B 213 -9.86 -12.63 16.25
CA VAL B 213 -11.15 -12.96 15.62
C VAL B 213 -11.90 -11.70 15.23
N PHE B 214 -11.55 -10.59 15.90
CA PHE B 214 -12.13 -9.27 15.69
C PHE B 214 -11.42 -8.48 14.57
N PHE B 215 -10.11 -8.69 14.39
CA PHE B 215 -9.30 -7.74 13.65
C PHE B 215 -8.73 -8.26 12.34
N ILE B 216 -8.40 -9.52 12.28
CA ILE B 216 -7.94 -10.06 11.05
C ILE B 216 -9.02 -9.92 9.97
N PRO B 217 -10.23 -10.50 10.19
CA PRO B 217 -11.24 -10.42 9.17
C PRO B 217 -11.94 -9.05 9.11
N PHE B 218 -11.68 -8.20 10.10
CA PHE B 218 -11.94 -6.76 9.98
C PHE B 218 -11.01 -6.16 8.93
N ILE B 219 -9.77 -6.64 8.88
CA ILE B 219 -8.80 -6.09 7.94
C ILE B 219 -9.15 -6.52 6.52
N PHE B 220 -9.63 -7.77 6.38
CA PHE B 220 -10.07 -8.28 5.12
C PHE B 220 -11.23 -7.47 4.51
N VAL B 221 -12.34 -7.39 5.23
CA VAL B 221 -13.42 -6.48 4.84
C VAL B 221 -12.87 -5.13 4.41
N VAL B 222 -11.79 -4.69 5.10
CA VAL B 222 -11.40 -3.29 5.03
C VAL B 222 -10.50 -2.99 3.81
N THR B 223 -9.61 -3.90 3.42
CA THR B 223 -8.90 -3.70 2.21
C THR B 223 -9.56 -4.41 1.00
N PHE B 224 -10.35 -5.46 1.23
CA PHE B 224 -11.17 -5.93 0.10
C PHE B 224 -12.00 -4.74 -0.41
N VAL B 225 -12.81 -4.13 0.47
CA VAL B 225 -13.62 -2.99 0.12
C VAL B 225 -12.84 -1.91 -0.59
N MET B 226 -11.76 -1.43 0.01
CA MET B 226 -10.98 -0.36 -0.61
C MET B 226 -10.36 -0.76 -1.94
N ILE B 227 -10.03 -2.03 -2.13
CA ILE B 227 -9.56 -2.46 -3.41
C ILE B 227 -10.72 -2.52 -4.40
N ASN B 228 -11.87 -3.02 -3.96
CA ASN B 228 -13.02 -3.15 -4.85
C ASN B 228 -13.65 -1.88 -5.27
N LEU B 229 -13.15 -0.74 -4.80
CA LEU B 229 -13.57 0.57 -5.28
C LEU B 229 -12.54 1.22 -6.21
N VAL B 230 -11.41 0.56 -6.42
CA VAL B 230 -10.51 0.85 -7.54
C VAL B 230 -10.68 -0.12 -8.68
N VAL B 231 -11.41 -1.23 -8.46
CA VAL B 231 -11.95 -2.00 -9.58
C VAL B 231 -13.21 -1.35 -10.17
N ALA B 232 -13.88 -0.48 -9.40
CA ALA B 232 -15.14 0.12 -9.78
C ALA B 232 -15.04 1.59 -10.12
N ILE B 233 -13.99 2.30 -9.69
CA ILE B 233 -13.83 3.69 -10.09
C ILE B 233 -13.48 3.81 -11.57
N ILE B 234 -13.09 2.70 -12.19
CA ILE B 234 -12.84 2.65 -13.63
C ILE B 234 -14.00 1.97 -14.36
N VAL B 235 -14.89 1.27 -13.64
CA VAL B 235 -16.04 0.62 -14.24
C VAL B 235 -17.35 1.35 -13.96
N ASP B 236 -17.44 2.05 -12.82
CA ASP B 236 -18.65 2.72 -12.43
C ASP B 236 -18.58 4.25 -12.58
N ALA B 237 -17.38 4.84 -12.54
CA ALA B 237 -17.21 6.22 -12.88
C ALA B 237 -16.92 6.47 -14.36
N MET B 238 -16.35 5.47 -15.04
CA MET B 238 -16.16 5.51 -16.46
C MET B 238 -17.26 4.76 -17.23
N ALA B 239 -18.39 4.46 -16.56
CA ALA B 239 -19.60 4.02 -17.22
C ALA B 239 -20.55 5.18 -17.54
N ILE B 240 -20.50 6.24 -16.75
CA ILE B 240 -21.21 7.48 -17.05
C ILE B 240 -20.45 8.32 -18.09
N LEU B 241 -19.13 8.08 -18.22
CA LEU B 241 -18.31 8.69 -19.26
C LEU B 241 -18.35 7.92 -20.57
N ASN B 242 -19.13 6.84 -20.64
CA ASN B 242 -19.24 6.02 -21.84
C ASN B 242 -20.64 5.95 -22.41
N GLN B 243 -21.61 6.63 -21.79
CA GLN B 243 -23.01 6.56 -22.19
C GLN B 243 -23.53 7.84 -22.83
N LYS B 244 -22.93 8.99 -22.50
CA LYS B 244 -23.39 10.27 -22.95
C LYS B 244 -22.36 11.13 -23.65
N GLU B 245 -21.10 10.68 -23.71
CA GLU B 245 -20.02 11.46 -24.26
C GLU B 245 -19.34 10.81 -25.47
N GLU B 246 -19.28 9.48 -25.51
CA GLU B 246 -18.64 8.76 -26.61
C GLU B 246 -19.60 8.42 -27.75
N GLN B 247 -20.82 8.02 -27.42
CA GLN B 247 -21.81 7.69 -28.43
C GLN B 247 -22.24 8.92 -29.25
N HIS B 248 -21.90 10.11 -28.77
CA HIS B 248 -21.86 11.32 -29.61
C HIS B 248 -21.01 11.11 -30.86
N ILE B 249 -20.08 10.15 -30.81
CA ILE B 249 -19.21 9.80 -31.93
C ILE B 249 -18.42 11.01 -32.43
N MET C 18 8.20 -54.42 -23.03
CA MET C 18 7.36 -53.92 -21.90
C MET C 18 7.15 -52.41 -21.95
N TYR C 19 8.09 -51.70 -22.58
CA TYR C 19 8.23 -50.28 -22.44
C TYR C 19 7.06 -49.43 -22.89
N LEU C 20 5.97 -50.04 -23.36
CA LEU C 20 4.83 -49.28 -23.81
C LEU C 20 3.57 -49.52 -23.02
N ARG C 21 3.63 -50.35 -21.97
CA ARG C 21 2.44 -50.98 -21.45
C ARG C 21 1.64 -50.10 -20.48
N ILE C 22 2.26 -49.71 -19.36
CA ILE C 22 1.53 -49.21 -18.20
C ILE C 22 1.11 -47.76 -18.40
N THR C 23 1.37 -47.23 -19.60
CA THR C 23 0.77 -45.98 -20.04
C THR C 23 -0.73 -45.96 -19.83
N ASN C 24 -1.37 -47.12 -19.77
CA ASN C 24 -2.78 -47.18 -19.54
C ASN C 24 -3.12 -46.92 -18.08
N ILE C 25 -2.23 -47.24 -17.14
CA ILE C 25 -2.51 -46.98 -15.76
C ILE C 25 -2.26 -45.51 -15.40
N VAL C 26 -1.23 -44.91 -15.98
CA VAL C 26 -0.93 -43.51 -15.77
C VAL C 26 -1.99 -42.64 -16.43
N GLU C 27 -2.00 -42.59 -17.76
CA GLU C 27 -2.96 -41.74 -18.46
C GLU C 27 -4.40 -42.15 -18.13
N SER C 28 -4.83 -41.91 -16.93
CA SER C 28 -6.14 -42.37 -16.50
C SER C 28 -6.76 -41.40 -15.51
N SER C 29 -8.10 -41.34 -15.51
CA SER C 29 -8.82 -40.54 -14.53
C SER C 29 -8.59 -41.06 -13.10
N PHE C 30 -8.18 -42.32 -13.00
CA PHE C 30 -7.93 -42.97 -11.73
C PHE C 30 -6.65 -42.54 -11.03
N PHE C 31 -5.59 -42.38 -11.81
CA PHE C 31 -4.25 -42.11 -11.29
C PHE C 31 -4.06 -40.82 -10.52
N THR C 32 -4.52 -39.71 -11.07
CA THR C 32 -4.24 -38.42 -10.48
C THR C 32 -4.80 -38.27 -9.07
N LYS C 33 -6.07 -38.56 -8.88
CA LYS C 33 -6.73 -38.32 -7.60
C LYS C 33 -6.16 -39.20 -6.48
N PHE C 34 -5.73 -40.40 -6.84
CA PHE C 34 -5.15 -41.29 -5.89
C PHE C 34 -3.93 -40.62 -5.28
N ILE C 35 -3.05 -40.06 -6.12
CA ILE C 35 -1.91 -39.33 -5.55
C ILE C 35 -2.40 -38.09 -4.84
N ILE C 36 -3.39 -37.41 -5.42
CA ILE C 36 -3.94 -36.21 -4.83
C ILE C 36 -4.50 -36.58 -3.49
N TYR C 37 -5.24 -37.66 -3.42
CA TYR C 37 -5.76 -38.11 -2.12
C TYR C 37 -4.59 -38.30 -1.14
N LEU C 38 -3.49 -38.91 -1.58
CA LEU C 38 -2.40 -39.16 -0.66
C LEU C 38 -1.76 -37.83 -0.22
N ILE C 39 -1.52 -36.95 -1.17
CA ILE C 39 -0.90 -35.66 -0.84
C ILE C 39 -1.83 -34.68 -0.17
N VAL C 40 -3.11 -35.04 -0.04
CA VAL C 40 -4.01 -34.35 0.91
C VAL C 40 -3.97 -35.01 2.28
N LEU C 41 -3.91 -36.32 2.33
CA LEU C 41 -3.55 -37.00 3.61
C LEU C 41 -2.20 -36.48 4.06
N ASN C 42 -1.16 -36.77 3.31
CA ASN C 42 0.20 -36.38 3.63
C ASN C 42 0.32 -34.88 3.85
N GLY C 43 -0.62 -34.10 3.35
CA GLY C 43 -0.62 -32.67 3.60
C GLY C 43 -1.39 -32.35 4.84
N ILE C 44 -2.41 -33.13 5.15
CA ILE C 44 -2.99 -33.10 6.52
C ILE C 44 -1.93 -33.63 7.47
N THR C 45 -1.39 -34.81 7.17
CA THR C 45 -0.29 -35.34 7.96
C THR C 45 1.05 -34.87 7.39
N MET C 46 1.18 -33.55 7.33
CA MET C 46 2.49 -32.86 7.35
C MET C 46 2.35 -31.68 8.27
N GLY C 47 1.36 -30.82 7.99
CA GLY C 47 0.89 -29.83 8.94
C GLY C 47 0.68 -30.40 10.31
N LEU C 48 0.41 -31.71 10.39
CA LEU C 48 0.29 -32.39 11.66
C LEU C 48 1.65 -32.80 12.20
N GLU C 49 2.62 -33.07 11.32
CA GLU C 49 4.01 -33.27 11.75
C GLU C 49 4.61 -32.03 12.40
N THR C 50 4.00 -30.87 12.14
CA THR C 50 4.29 -29.66 12.84
C THR C 50 3.46 -29.64 14.12
N SER C 51 3.99 -30.28 15.16
CA SER C 51 3.27 -30.43 16.38
C SER C 51 4.24 -30.74 17.49
N LYS C 52 4.05 -30.07 18.62
CA LYS C 52 4.88 -30.34 19.79
C LYS C 52 4.53 -31.72 20.36
N THR C 53 3.25 -32.07 20.35
CA THR C 53 2.84 -33.34 20.93
C THR C 53 2.57 -34.50 19.98
N PHE C 54 1.88 -34.23 18.90
CA PHE C 54 1.50 -35.29 17.99
C PHE C 54 2.70 -36.01 17.40
N MET C 55 3.77 -35.30 17.07
CA MET C 55 4.92 -35.95 16.51
C MET C 55 5.50 -36.91 17.52
N GLN C 56 5.63 -36.49 18.77
CA GLN C 56 6.21 -37.35 19.80
C GLN C 56 5.31 -38.48 20.23
N SER C 57 4.05 -38.15 20.52
CA SER C 57 3.09 -39.12 21.02
C SER C 57 2.66 -40.18 20.01
N PHE C 58 2.43 -39.73 18.78
CA PHE C 58 1.86 -40.54 17.72
C PHE C 58 2.68 -40.50 16.42
N GLY C 59 3.52 -39.49 16.24
CA GLY C 59 4.23 -39.34 14.98
C GLY C 59 5.27 -40.41 14.69
N VAL C 60 5.87 -40.94 15.74
CA VAL C 60 6.84 -42.04 15.59
C VAL C 60 6.18 -43.28 14.98
N TYR C 61 4.83 -43.36 15.05
CA TYR C 61 4.08 -44.45 14.42
C TYR C 61 3.51 -44.08 13.06
N THR C 62 3.62 -42.84 12.63
CA THR C 62 3.32 -42.46 11.26
C THR C 62 4.47 -41.67 10.63
N THR C 63 5.64 -41.66 11.25
CA THR C 63 6.88 -41.34 10.53
C THR C 63 7.14 -42.38 9.46
N LEU C 64 6.46 -43.51 9.51
CA LEU C 64 6.50 -44.49 8.41
C LEU C 64 5.62 -44.05 7.25
N PHE C 65 4.51 -43.37 7.52
CA PHE C 65 3.67 -42.86 6.47
C PHE C 65 4.41 -41.93 5.56
N ASN C 66 5.23 -41.08 6.12
CA ASN C 66 6.00 -40.13 5.36
C ASN C 66 7.05 -40.79 4.46
N GLN C 67 7.48 -42.00 4.81
CA GLN C 67 8.46 -42.68 3.99
C GLN C 67 7.86 -43.73 3.05
N ILE C 68 6.72 -44.30 3.38
CA ILE C 68 6.00 -45.16 2.41
C ILE C 68 5.10 -44.33 1.50
N VAL C 69 5.04 -43.02 1.69
CA VAL C 69 4.41 -42.13 0.70
C VAL C 69 5.42 -41.78 -0.39
N ILE C 70 6.65 -41.44 -0.01
CA ILE C 70 7.67 -41.14 -0.94
C ILE C 70 8.09 -42.34 -1.76
N THR C 71 7.96 -43.53 -1.21
CA THR C 71 8.23 -44.73 -1.98
C THR C 71 7.24 -44.82 -3.11
N ILE C 72 5.95 -44.80 -2.79
CA ILE C 72 4.93 -44.78 -3.81
C ILE C 72 5.14 -43.60 -4.78
N PHE C 73 5.52 -42.45 -4.21
CA PHE C 73 5.86 -41.29 -5.01
C PHE C 73 6.99 -41.59 -5.98
N THR C 74 8.14 -42.02 -5.45
CA THR C 74 9.31 -42.20 -6.30
C THR C 74 9.13 -43.30 -7.32
N ILE C 75 8.16 -44.18 -7.12
CA ILE C 75 7.82 -45.15 -8.16
C ILE C 75 7.02 -44.49 -9.26
N GLU C 76 6.15 -43.54 -8.91
CA GLU C 76 5.39 -42.78 -9.92
C GLU C 76 6.31 -42.05 -10.90
N ILE C 77 7.46 -41.62 -10.42
CA ILE C 77 8.35 -40.76 -11.20
C ILE C 77 9.41 -41.58 -11.93
N ILE C 78 9.08 -42.83 -12.27
CA ILE C 78 9.94 -43.68 -13.08
C ILE C 78 9.24 -44.09 -14.38
N LEU C 79 7.93 -44.31 -14.34
CA LEU C 79 7.20 -44.76 -15.51
C LEU C 79 6.67 -43.60 -16.32
N ARG C 80 6.15 -42.57 -15.63
CA ARG C 80 5.95 -41.26 -16.29
C ARG C 80 7.16 -40.85 -17.10
N ILE C 81 8.35 -41.21 -16.61
CA ILE C 81 9.60 -40.96 -17.30
C ILE C 81 9.70 -41.82 -18.57
N TYR C 82 9.22 -43.07 -18.52
CA TYR C 82 9.19 -43.90 -19.72
C TYR C 82 8.10 -43.44 -20.68
N VAL C 83 6.94 -43.09 -20.15
CA VAL C 83 5.82 -42.61 -20.99
C VAL C 83 6.28 -41.42 -21.85
N HIS C 84 7.01 -40.48 -21.26
CA HIS C 84 7.63 -39.39 -22.01
C HIS C 84 9.15 -39.57 -21.94
N ARG C 85 9.69 -40.27 -22.92
CA ARG C 85 11.10 -40.65 -22.91
C ARG C 85 12.04 -39.47 -22.68
N ILE C 86 12.08 -38.57 -23.67
CA ILE C 86 12.83 -37.33 -23.54
C ILE C 86 11.90 -36.12 -23.35
N SER C 87 10.64 -36.37 -23.01
CA SER C 87 9.62 -35.34 -22.89
C SER C 87 9.17 -35.09 -21.44
N PHE C 88 9.62 -35.92 -20.48
CA PHE C 88 9.35 -35.68 -19.06
C PHE C 88 10.07 -34.44 -18.56
N PHE C 89 11.36 -34.40 -18.85
CA PHE C 89 12.24 -33.30 -18.40
C PHE C 89 12.21 -32.13 -19.37
N LYS C 90 11.17 -32.05 -20.23
CA LYS C 90 10.89 -30.88 -21.07
C LYS C 90 9.45 -30.41 -20.86
N ASP C 91 8.86 -30.82 -19.73
CA ASP C 91 7.57 -30.37 -19.28
C ASP C 91 7.76 -29.54 -18.03
N PRO C 92 7.13 -28.34 -17.94
CA PRO C 92 7.38 -27.50 -16.77
C PRO C 92 7.07 -28.21 -15.45
N TRP C 93 5.79 -28.39 -15.18
CA TRP C 93 5.30 -28.90 -13.92
C TRP C 93 5.86 -30.26 -13.56
N SER C 94 6.34 -31.00 -14.56
CA SER C 94 6.84 -32.33 -14.31
C SER C 94 8.25 -32.31 -13.78
N LEU C 95 9.07 -31.39 -14.26
CA LEU C 95 10.40 -31.25 -13.66
C LEU C 95 10.33 -30.83 -12.21
N PHE C 96 9.33 -30.02 -11.87
CA PHE C 96 9.14 -29.52 -10.51
C PHE C 96 9.13 -30.68 -9.50
N ASP C 97 8.04 -31.43 -9.46
CA ASP C 97 7.90 -32.48 -8.48
C ASP C 97 8.98 -33.54 -8.60
N PHE C 98 9.73 -33.56 -9.69
CA PHE C 98 10.89 -34.43 -9.73
C PHE C 98 11.95 -34.02 -8.71
N PHE C 99 12.52 -32.81 -8.90
CA PHE C 99 13.51 -32.31 -7.94
C PHE C 99 12.92 -32.21 -6.54
N VAL C 100 11.62 -31.92 -6.47
CA VAL C 100 10.95 -31.75 -5.18
C VAL C 100 10.98 -33.07 -4.37
N VAL C 101 10.87 -34.22 -5.04
CA VAL C 101 10.91 -35.44 -4.27
C VAL C 101 12.32 -35.82 -3.89
N ALA C 102 13.28 -35.47 -4.73
CA ALA C 102 14.67 -35.79 -4.42
C ALA C 102 15.05 -35.17 -3.03
N ILE C 103 14.69 -33.92 -2.83
CA ILE C 103 14.96 -33.25 -1.59
C ILE C 103 14.24 -34.01 -0.49
N SER C 104 13.03 -34.48 -0.78
CA SER C 104 12.19 -35.25 0.17
C SER C 104 12.64 -36.67 0.44
N LEU C 105 13.61 -37.15 -0.36
CA LEU C 105 14.19 -38.45 -0.25
C LEU C 105 15.31 -38.55 0.78
N VAL C 106 15.61 -37.43 1.42
CA VAL C 106 16.68 -37.27 2.37
C VAL C 106 16.63 -38.34 3.43
N PRO C 107 17.76 -38.94 3.68
CA PRO C 107 17.89 -39.99 4.66
C PRO C 107 17.50 -39.46 6.02
N THR C 108 16.83 -40.30 6.75
CA THR C 108 16.36 -40.00 8.09
C THR C 108 17.47 -39.33 8.95
N SER C 109 18.68 -39.31 8.46
CA SER C 109 19.76 -38.65 9.15
C SER C 109 20.75 -38.13 8.12
N SER C 110 20.77 -36.83 7.88
CA SER C 110 21.61 -36.19 6.87
C SER C 110 22.75 -35.43 7.56
N GLY C 111 23.23 -34.35 6.96
CA GLY C 111 24.23 -33.46 7.57
C GLY C 111 23.56 -32.25 8.20
N PHE C 112 23.08 -31.33 7.35
CA PHE C 112 22.39 -30.14 7.84
C PHE C 112 20.91 -30.28 7.49
N GLU C 113 20.09 -30.63 8.49
CA GLU C 113 18.67 -30.91 8.30
C GLU C 113 17.87 -29.62 8.06
N ILE C 114 18.35 -28.80 7.14
CA ILE C 114 17.49 -27.88 6.40
C ILE C 114 16.71 -28.61 5.31
N LEU C 115 17.02 -29.88 5.09
CA LEU C 115 16.35 -30.64 4.05
C LEU C 115 15.16 -31.43 4.59
N ARG C 116 15.19 -31.87 5.84
CA ARG C 116 13.99 -32.41 6.45
C ARG C 116 12.87 -31.37 6.51
N VAL C 117 13.21 -30.09 6.49
CA VAL C 117 12.24 -29.01 6.49
C VAL C 117 11.94 -28.53 5.08
N LEU C 118 12.66 -29.04 4.07
CA LEU C 118 12.18 -28.83 2.71
C LEU C 118 11.05 -29.74 2.31
N ARG C 119 11.05 -30.94 2.90
CA ARG C 119 10.03 -31.96 2.73
C ARG C 119 8.62 -31.43 2.45
N VAL C 120 8.27 -30.27 3.03
CA VAL C 120 6.94 -29.70 2.85
C VAL C 120 6.69 -29.30 1.37
N LEU C 121 7.78 -29.00 0.67
CA LEU C 121 7.69 -28.65 -0.73
C LEU C 121 7.09 -29.74 -1.61
N ARG C 122 6.97 -30.95 -1.10
CA ARG C 122 6.24 -31.99 -1.84
C ARG C 122 4.72 -31.67 -1.84
N LEU C 123 4.26 -30.92 -0.84
CA LEU C 123 2.86 -30.53 -0.85
C LEU C 123 2.60 -29.49 -1.91
N PHE C 124 3.64 -28.98 -2.55
CA PHE C 124 3.41 -28.17 -3.71
C PHE C 124 2.97 -28.96 -4.94
N ARG C 125 2.90 -30.29 -4.87
CA ARG C 125 2.35 -31.08 -5.93
C ARG C 125 0.86 -30.89 -6.12
N LEU C 126 0.21 -30.20 -5.16
CA LEU C 126 -1.17 -29.85 -5.29
C LEU C 126 -1.46 -28.80 -6.33
N VAL C 127 -0.45 -28.02 -6.72
CA VAL C 127 -0.64 -27.01 -7.74
C VAL C 127 -0.27 -27.48 -9.13
N THR C 128 0.72 -28.37 -9.22
CA THR C 128 1.19 -28.89 -10.48
C THR C 128 0.51 -30.16 -10.93
N ALA C 129 -0.54 -30.57 -10.22
CA ALA C 129 -1.32 -31.72 -10.60
C ALA C 129 -2.80 -31.42 -10.76
N VAL C 130 -3.18 -30.16 -10.68
CA VAL C 130 -4.54 -29.74 -10.89
C VAL C 130 -4.58 -28.64 -11.95
N PRO C 131 -5.23 -28.87 -13.11
CA PRO C 131 -5.09 -27.95 -14.23
C PRO C 131 -5.63 -26.53 -13.98
N GLN C 132 -6.51 -26.37 -13.01
CA GLN C 132 -6.83 -25.04 -12.51
C GLN C 132 -5.61 -24.39 -11.87
N MET C 133 -5.15 -24.97 -10.76
CA MET C 133 -3.93 -24.52 -10.09
C MET C 133 -2.73 -24.55 -11.04
N ARG C 134 -2.71 -25.47 -11.99
CA ARG C 134 -1.64 -25.52 -13.00
C ARG C 134 -1.55 -24.19 -13.72
N LYS C 135 -2.47 -23.92 -14.66
CA LYS C 135 -2.27 -22.82 -15.59
C LYS C 135 -2.57 -21.43 -15.04
N ILE C 136 -3.09 -21.31 -13.83
CA ILE C 136 -3.08 -19.98 -13.18
C ILE C 136 -1.65 -19.57 -12.84
N VAL C 137 -0.83 -20.52 -12.41
CA VAL C 137 0.61 -20.28 -12.34
C VAL C 137 1.14 -19.88 -13.71
N SER C 138 0.65 -20.53 -14.76
CA SER C 138 0.98 -20.11 -16.10
C SER C 138 0.41 -18.72 -16.42
N ALA C 139 -0.76 -18.42 -15.86
CA ALA C 139 -1.32 -17.08 -15.95
C ALA C 139 -0.54 -16.09 -15.07
N LEU C 140 0.10 -16.60 -14.03
CA LEU C 140 0.95 -15.76 -13.18
C LEU C 140 2.30 -15.46 -13.84
N ILE C 141 3.03 -16.53 -14.18
CA ILE C 141 4.27 -16.40 -14.91
C ILE C 141 3.99 -15.93 -16.35
N SER C 142 2.74 -15.59 -16.65
CA SER C 142 2.42 -15.01 -17.94
C SER C 142 2.82 -13.54 -18.04
N VAL C 143 2.86 -12.86 -16.90
CA VAL C 143 3.23 -11.46 -16.82
C VAL C 143 4.69 -11.24 -16.45
N ILE C 144 5.36 -12.29 -15.96
CA ILE C 144 6.73 -12.19 -15.53
C ILE C 144 7.73 -12.00 -16.70
N PRO C 145 7.63 -12.80 -17.79
CA PRO C 145 8.49 -12.55 -18.94
C PRO C 145 8.10 -11.25 -19.67
N GLY C 146 6.92 -10.69 -19.37
CA GLY C 146 6.67 -9.31 -19.70
C GLY C 146 7.33 -8.33 -18.75
N MET C 147 7.55 -8.77 -17.53
CA MET C 147 8.08 -7.92 -16.44
C MET C 147 9.61 -7.95 -16.34
N LEU C 148 10.23 -9.10 -16.54
CA LEU C 148 11.68 -9.23 -16.74
C LEU C 148 12.30 -7.98 -17.37
N SER C 149 11.50 -7.32 -18.18
CA SER C 149 11.85 -6.09 -18.86
C SER C 149 12.09 -4.98 -17.83
N VAL C 150 11.40 -5.04 -16.70
CA VAL C 150 11.58 -4.05 -15.66
C VAL C 150 12.22 -4.51 -14.36
N ILE C 151 12.21 -5.78 -14.04
CA ILE C 151 12.77 -6.22 -12.74
C ILE C 151 14.26 -5.89 -12.72
N ALA C 152 14.93 -6.19 -13.81
CA ALA C 152 16.31 -5.93 -13.90
C ALA C 152 16.59 -4.44 -13.79
N LEU C 153 15.74 -3.62 -14.35
CA LEU C 153 16.00 -2.20 -14.33
C LEU C 153 16.21 -1.72 -12.92
N MET C 154 15.61 -2.38 -11.93
CA MET C 154 15.81 -1.91 -10.58
C MET C 154 16.83 -2.72 -9.77
N THR C 155 16.90 -4.04 -9.94
CA THR C 155 18.04 -4.78 -9.33
C THR C 155 19.36 -4.14 -9.78
N LEU C 156 19.31 -3.13 -10.63
CA LEU C 156 20.38 -2.17 -10.81
C LEU C 156 20.10 -0.88 -10.09
N PHE C 157 18.84 -0.47 -9.95
CA PHE C 157 18.59 0.67 -9.05
C PHE C 157 18.92 0.34 -7.59
N PHE C 158 18.43 -0.81 -7.13
CA PHE C 158 18.61 -1.26 -5.75
C PHE C 158 20.07 -1.53 -5.46
N TYR C 159 20.82 -1.92 -6.49
CA TYR C 159 22.21 -2.38 -6.28
C TYR C 159 23.17 -1.25 -6.10
N ILE C 160 22.88 -0.13 -6.73
CA ILE C 160 23.81 1.01 -6.65
C ILE C 160 23.48 1.95 -5.47
N PHE C 161 22.20 2.16 -5.20
CA PHE C 161 21.79 2.75 -3.96
C PHE C 161 22.24 1.94 -2.75
N ALA C 162 22.54 0.66 -2.93
CA ALA C 162 23.21 -0.08 -1.87
C ALA C 162 24.71 0.28 -1.81
N ILE C 163 25.35 0.43 -2.97
CA ILE C 163 26.76 0.76 -2.99
C ILE C 163 27.02 2.04 -2.21
N MET C 164 26.26 3.09 -2.54
CA MET C 164 26.29 4.39 -1.91
C MET C 164 25.81 4.46 -0.45
N ALA C 165 25.54 3.36 0.22
CA ALA C 165 25.15 3.50 1.62
C ALA C 165 26.29 3.04 2.53
N THR C 166 27.08 2.08 2.10
CA THR C 166 28.27 1.62 2.79
C THR C 166 29.37 2.62 2.86
N GLN C 167 29.44 3.55 1.92
CA GLN C 167 30.44 4.62 1.97
C GLN C 167 29.87 5.97 2.41
N LEU C 168 28.62 5.97 2.83
CA LEU C 168 28.09 7.05 3.65
C LEU C 168 27.69 6.60 5.06
N PHE C 169 27.04 5.44 5.19
CA PHE C 169 26.26 5.13 6.40
C PHE C 169 26.75 3.97 7.28
N GLY C 170 27.48 3.02 6.76
CA GLY C 170 27.78 1.79 7.50
C GLY C 170 29.05 1.76 8.40
N GLU C 171 29.73 2.88 8.52
CA GLU C 171 30.66 3.02 9.63
C GLU C 171 30.06 3.74 10.82
N ARG C 172 28.84 4.30 10.68
CA ARG C 172 28.05 4.68 11.86
C ARG C 172 26.71 3.97 11.90
N PHE C 173 26.44 3.08 10.98
CA PHE C 173 25.34 2.19 11.12
C PHE C 173 25.63 0.84 10.52
N PRO C 174 26.76 0.24 10.89
CA PRO C 174 27.14 -1.07 10.36
C PRO C 174 26.03 -2.15 10.36
N GLU C 175 25.27 -2.25 11.46
CA GLU C 175 24.18 -3.20 11.48
C GLU C 175 23.28 -3.13 10.20
N TRP C 176 23.10 -1.93 9.68
CA TRP C 176 22.09 -1.59 8.66
C TRP C 176 22.60 -1.47 7.23
N PHE C 177 23.66 -0.70 7.05
CA PHE C 177 24.30 -0.48 5.75
C PHE C 177 25.82 -0.77 5.84
N GLY C 178 26.18 -1.77 6.61
CA GLY C 178 27.61 -2.01 6.86
C GLY C 178 28.32 -2.55 5.64
N THR C 179 27.70 -3.55 5.01
CA THR C 179 28.13 -4.16 3.79
C THR C 179 27.17 -3.85 2.62
N LEU C 180 27.34 -4.55 1.50
CA LEU C 180 26.32 -4.58 0.43
C LEU C 180 25.07 -5.16 1.03
N GLY C 181 25.08 -6.47 1.23
CA GLY C 181 23.97 -7.17 1.84
C GLY C 181 23.17 -6.35 2.81
N GLU C 182 23.83 -5.87 3.85
CA GLU C 182 23.17 -5.01 4.79
C GLU C 182 22.39 -3.91 4.05
N SER C 183 22.99 -3.32 3.03
CA SER C 183 22.23 -2.24 2.37
C SER C 183 21.12 -2.81 1.47
N PHE C 184 21.27 -4.04 0.97
CA PHE C 184 20.21 -4.62 0.20
C PHE C 184 18.98 -4.77 1.05
N TYR C 185 19.15 -5.38 2.22
CA TYR C 185 18.05 -5.61 3.14
C TYR C 185 17.38 -4.34 3.65
N THR C 186 18.14 -3.35 3.95
CA THR C 186 17.63 -2.10 4.44
C THR C 186 16.85 -1.36 3.42
N LEU C 187 17.37 -1.40 2.22
CA LEU C 187 16.76 -0.84 1.07
C LEU C 187 15.53 -1.55 0.63
N PHE C 188 15.54 -2.86 0.66
CA PHE C 188 14.36 -3.60 0.35
C PHE C 188 13.38 -3.21 1.40
N GLN C 189 13.83 -3.12 2.63
CA GLN C 189 12.96 -2.72 3.68
C GLN C 189 12.36 -1.34 3.39
N VAL C 190 13.17 -0.41 2.94
CA VAL C 190 12.67 0.91 2.76
C VAL C 190 11.49 0.93 1.82
N MET C 191 11.61 0.14 0.75
CA MET C 191 10.59 0.06 -0.31
C MET C 191 9.34 -0.70 0.12
N THR C 192 9.47 -1.68 0.98
CA THR C 192 8.22 -2.08 1.57
C THR C 192 7.65 -1.02 2.55
N LEU C 193 8.25 0.20 2.53
CA LEU C 193 7.74 1.37 3.26
C LEU C 193 7.60 1.12 4.75
N ASP C 194 8.28 0.09 5.24
CA ASP C 194 8.00 -0.55 6.55
C ASP C 194 8.88 0.03 7.63
N ASP C 195 8.38 0.98 8.40
CA ASP C 195 9.14 1.46 9.52
C ASP C 195 10.41 2.06 9.12
N TRP C 196 10.33 3.04 8.34
CA TRP C 196 11.56 3.33 7.60
C TRP C 196 12.13 4.66 8.12
N SER C 197 11.23 5.58 8.48
CA SER C 197 11.60 6.95 8.89
C SER C 197 12.00 6.93 10.34
N ASN C 198 11.02 6.61 11.14
CA ASN C 198 11.23 6.55 12.53
C ASN C 198 12.25 5.46 12.78
N GLY C 199 12.08 4.32 12.18
CA GLY C 199 12.94 3.19 12.44
C GLY C 199 14.36 3.17 11.95
N ILE C 200 14.58 3.67 10.74
CA ILE C 200 15.86 3.60 10.12
C ILE C 200 16.32 4.96 9.64
N VAL C 201 15.44 5.71 9.03
CA VAL C 201 15.83 7.00 8.53
C VAL C 201 16.07 8.15 9.54
N ARG C 202 15.21 8.34 10.51
CA ARG C 202 15.34 9.48 11.44
C ARG C 202 16.58 9.31 12.32
N PRO C 203 16.92 8.08 12.68
CA PRO C 203 18.09 7.78 13.47
C PRO C 203 19.35 8.15 12.74
N LEU C 204 19.31 7.99 11.42
CA LEU C 204 20.41 8.35 10.56
C LEU C 204 20.64 9.83 10.58
N MET C 205 19.62 10.64 10.72
CA MET C 205 19.70 12.10 10.78
C MET C 205 20.26 12.67 12.08
N GLU C 206 20.52 11.82 13.05
CA GLU C 206 21.18 12.18 14.26
C GLU C 206 22.68 11.97 14.16
N VAL C 207 23.20 11.65 12.98
CA VAL C 207 24.64 11.68 12.73
C VAL C 207 24.96 12.36 11.39
N TYR C 208 24.33 11.90 10.31
CA TYR C 208 24.51 12.51 9.02
C TYR C 208 23.15 13.08 8.71
N PRO C 209 23.06 14.39 8.71
CA PRO C 209 21.77 15.10 8.54
C PRO C 209 20.99 14.95 7.27
N TYR C 210 21.67 14.87 6.13
CA TYR C 210 20.96 14.79 4.82
C TYR C 210 20.68 13.34 4.41
N ALA C 211 20.71 12.41 5.38
CA ALA C 211 20.39 11.03 5.02
C ALA C 211 19.10 10.96 4.18
N TYR C 212 18.15 11.89 4.44
CA TYR C 212 16.85 11.91 3.79
C TYR C 212 16.93 12.25 2.30
N VAL C 213 17.96 12.96 1.87
CA VAL C 213 18.02 13.38 0.50
C VAL C 213 18.50 12.23 -0.41
N PHE C 214 19.19 11.25 0.11
CA PHE C 214 19.31 9.92 -0.50
C PHE C 214 18.04 9.12 -0.26
N PHE C 215 17.25 9.43 0.75
CA PHE C 215 16.28 8.39 1.08
C PHE C 215 14.91 8.64 0.52
N ILE C 216 14.52 9.90 0.46
CA ILE C 216 13.17 10.27 -0.05
C ILE C 216 12.99 10.04 -1.53
N PRO C 217 13.93 10.43 -2.38
CA PRO C 217 13.64 10.31 -3.82
C PRO C 217 13.83 8.86 -4.27
N PHE C 218 14.85 8.17 -3.71
CA PHE C 218 14.93 6.71 -3.75
C PHE C 218 13.53 6.21 -3.50
N ILE C 219 12.83 6.82 -2.57
CA ILE C 219 11.48 6.38 -2.24
C ILE C 219 10.55 6.56 -3.43
N PHE C 220 10.66 7.76 -4.00
CA PHE C 220 9.96 8.18 -5.21
C PHE C 220 10.43 7.39 -6.43
N VAL C 221 11.75 7.19 -6.59
CA VAL C 221 12.12 6.39 -7.72
C VAL C 221 11.71 4.96 -7.66
N VAL C 222 11.80 4.33 -6.53
CA VAL C 222 11.31 2.99 -6.35
C VAL C 222 9.82 3.02 -6.35
N THR C 223 9.25 4.02 -5.76
CA THR C 223 7.82 4.19 -5.69
C THR C 223 7.23 4.53 -7.01
N PHE C 224 7.97 5.17 -7.88
CA PHE C 224 7.52 5.46 -9.19
C PHE C 224 7.30 4.28 -10.07
N VAL C 225 8.29 3.43 -10.13
CA VAL C 225 8.26 2.31 -11.02
C VAL C 225 7.21 1.29 -10.79
N MET C 226 7.01 0.95 -9.56
CA MET C 226 6.11 -0.08 -9.21
C MET C 226 4.73 0.26 -9.60
N ILE C 227 4.30 1.47 -9.36
CA ILE C 227 2.96 1.85 -9.75
C ILE C 227 2.83 1.87 -11.24
N ASN C 228 3.86 2.30 -11.92
CA ASN C 228 3.84 2.31 -13.38
C ASN C 228 3.95 0.93 -13.97
N LEU C 229 4.67 0.03 -13.30
CA LEU C 229 4.54 -1.40 -13.60
C LEU C 229 3.05 -1.75 -13.68
N VAL C 230 2.34 -1.65 -12.56
CA VAL C 230 1.02 -2.28 -12.43
C VAL C 230 0.01 -1.72 -13.41
N VAL C 231 0.16 -0.46 -13.82
CA VAL C 231 -0.69 0.10 -14.89
C VAL C 231 -0.50 -0.65 -16.20
N ALA C 232 0.62 -0.42 -16.87
CA ALA C 232 0.89 -1.12 -18.12
C ALA C 232 1.32 -2.56 -17.85
N ILE C 233 0.51 -3.28 -17.09
CA ILE C 233 0.59 -4.75 -17.00
C ILE C 233 -0.55 -5.44 -17.72
N ILE C 234 -1.54 -4.68 -18.18
CA ILE C 234 -2.48 -5.15 -19.18
C ILE C 234 -1.86 -5.36 -20.57
N VAL C 235 -0.59 -4.97 -20.75
CA VAL C 235 0.07 -5.01 -22.04
C VAL C 235 1.13 -6.10 -22.10
N ASP C 236 1.98 -6.19 -21.08
CA ASP C 236 3.02 -7.20 -21.03
C ASP C 236 2.43 -8.61 -20.88
N MET D 18 39.06 13.27 -40.73
CA MET D 18 39.01 11.85 -40.30
C MET D 18 37.59 11.55 -39.81
N TYR D 19 36.65 12.35 -40.32
CA TYR D 19 35.27 12.36 -39.84
C TYR D 19 34.52 11.10 -40.16
N LEU D 20 34.72 10.54 -41.35
CA LEU D 20 34.10 9.29 -41.73
C LEU D 20 34.81 8.07 -41.17
N ARG D 21 36.04 8.24 -40.66
CA ARG D 21 36.78 7.14 -40.14
C ARG D 21 36.70 7.03 -38.61
N ILE D 22 36.34 8.11 -37.90
CA ILE D 22 35.96 7.99 -36.52
C ILE D 22 34.52 7.53 -36.36
N THR D 23 33.68 7.82 -37.34
CA THR D 23 32.30 7.34 -37.34
C THR D 23 32.20 5.83 -37.62
N ASN D 24 33.34 5.19 -37.78
CA ASN D 24 33.32 3.76 -37.97
C ASN D 24 33.63 3.07 -36.66
N ILE D 25 34.54 3.65 -35.89
CA ILE D 25 34.86 3.12 -34.56
C ILE D 25 33.64 3.29 -33.67
N VAL D 26 33.01 4.45 -33.76
CA VAL D 26 31.83 4.77 -32.96
C VAL D 26 30.59 4.16 -33.61
N GLU D 27 29.60 3.81 -32.79
CA GLU D 27 28.34 3.26 -33.26
C GLU D 27 28.54 2.07 -34.20
N SER D 28 29.39 1.16 -33.74
CA SER D 28 29.72 -0.07 -34.42
C SER D 28 29.36 -1.26 -33.53
N SER D 29 29.28 -2.43 -34.13
CA SER D 29 28.94 -3.60 -33.33
C SER D 29 30.00 -3.82 -32.25
N PHE D 30 31.20 -3.29 -32.47
CA PHE D 30 32.25 -3.47 -31.49
C PHE D 30 32.08 -2.58 -30.27
N PHE D 31 31.58 -1.35 -30.45
CA PHE D 31 31.33 -0.45 -29.32
C PHE D 31 30.44 -1.09 -28.26
N THR D 32 29.53 -1.97 -28.67
CA THR D 32 28.80 -2.81 -27.70
C THR D 32 29.69 -3.83 -27.02
N LYS D 33 30.44 -4.59 -27.83
CA LYS D 33 31.38 -5.58 -27.35
C LYS D 33 32.38 -5.02 -26.35
N PHE D 34 32.47 -3.68 -26.31
CA PHE D 34 33.52 -3.02 -25.56
C PHE D 34 33.07 -1.94 -24.57
N ILE D 35 31.88 -1.37 -24.70
CA ILE D 35 31.49 -0.37 -23.73
C ILE D 35 30.54 -0.99 -22.69
N ILE D 36 29.41 -1.53 -23.16
CA ILE D 36 28.54 -2.28 -22.31
C ILE D 36 29.29 -3.34 -21.50
N TYR D 37 30.35 -3.87 -22.07
CA TYR D 37 31.14 -4.85 -21.31
C TYR D 37 32.03 -4.14 -20.28
N LEU D 38 32.74 -3.10 -20.71
CA LEU D 38 33.58 -2.33 -19.82
C LEU D 38 32.80 -1.59 -18.74
N ILE D 39 31.48 -1.58 -18.85
CA ILE D 39 30.61 -1.09 -17.75
C ILE D 39 30.33 -2.21 -16.78
N VAL D 40 29.71 -3.30 -17.26
CA VAL D 40 29.27 -4.38 -16.38
C VAL D 40 30.41 -4.94 -15.55
N LEU D 41 31.64 -4.92 -16.08
CA LEU D 41 32.79 -5.35 -15.27
C LEU D 41 33.39 -4.25 -14.46
N ASN D 42 32.80 -3.06 -14.50
CA ASN D 42 33.03 -2.04 -13.45
C ASN D 42 31.96 -2.10 -12.38
N GLY D 43 30.84 -2.76 -12.66
CA GLY D 43 29.77 -2.93 -11.67
C GLY D 43 29.78 -4.32 -11.02
N ILE D 44 30.58 -5.20 -11.58
CA ILE D 44 31.07 -6.36 -10.80
C ILE D 44 32.18 -5.91 -9.89
N THR D 45 33.10 -5.08 -10.40
CA THR D 45 34.23 -4.70 -9.59
C THR D 45 33.86 -3.65 -8.52
N MET D 46 32.74 -2.99 -8.69
CA MET D 46 32.28 -2.04 -7.69
C MET D 46 31.63 -2.72 -6.50
N GLY D 47 31.13 -3.93 -6.72
CA GLY D 47 30.61 -4.71 -5.60
C GLY D 47 31.66 -5.24 -4.71
N LEU D 48 32.93 -4.80 -4.94
CA LEU D 48 34.11 -5.24 -4.23
C LEU D 48 34.90 -4.08 -3.59
N GLU D 49 34.66 -2.83 -3.95
CA GLU D 49 35.09 -1.71 -3.13
C GLU D 49 34.26 -1.56 -1.84
N THR D 50 33.38 -2.56 -1.63
CA THR D 50 32.59 -2.83 -0.44
C THR D 50 33.14 -4.05 0.26
N SER D 51 32.90 -4.20 1.55
CA SER D 51 33.53 -5.26 2.33
C SER D 51 35.07 -5.21 2.25
N LYS D 52 35.60 -4.17 2.88
CA LYS D 52 36.98 -3.65 2.76
C LYS D 52 38.16 -4.62 2.90
N THR D 53 37.93 -5.87 3.27
CA THR D 53 38.97 -6.87 3.25
C THR D 53 39.65 -6.93 1.89
N PHE D 54 38.88 -6.69 0.83
CA PHE D 54 39.38 -6.64 -0.54
C PHE D 54 40.29 -5.45 -0.81
N MET D 55 40.02 -4.31 -0.19
CA MET D 55 40.75 -3.08 -0.52
C MET D 55 42.19 -3.14 -0.01
N GLN D 56 42.37 -3.53 1.23
CA GLN D 56 43.73 -3.72 1.78
C GLN D 56 44.55 -4.69 0.93
N SER D 57 43.95 -5.84 0.61
CA SER D 57 44.64 -6.88 -0.14
C SER D 57 45.03 -6.50 -1.57
N PHE D 58 44.07 -6.55 -2.50
CA PHE D 58 44.32 -6.20 -3.89
C PHE D 58 43.29 -5.14 -4.36
N GLY D 59 43.39 -3.97 -3.76
CA GLY D 59 42.47 -2.87 -4.07
C GLY D 59 43.07 -1.87 -5.05
N VAL D 60 44.39 -1.85 -5.17
CA VAL D 60 44.98 -0.90 -6.12
C VAL D 60 44.76 -1.32 -7.56
N TYR D 61 44.44 -2.59 -7.81
CA TYR D 61 43.96 -2.98 -9.15
C TYR D 61 42.67 -2.24 -9.54
N THR D 62 41.74 -2.15 -8.63
CA THR D 62 40.45 -1.53 -8.88
C THR D 62 40.46 -0.01 -8.58
N THR D 63 41.38 0.47 -7.76
CA THR D 63 41.49 1.90 -7.61
C THR D 63 41.84 2.56 -8.96
N LEU D 64 42.59 1.84 -9.79
CA LEU D 64 42.98 2.34 -11.08
C LEU D 64 42.21 1.71 -12.22
N PHE D 65 41.60 0.56 -12.01
CA PHE D 65 40.56 0.08 -12.94
C PHE D 65 39.44 1.10 -12.98
N ASN D 66 39.22 1.84 -11.93
CA ASN D 66 38.50 3.07 -11.99
C ASN D 66 38.98 3.91 -13.18
N GLN D 67 40.29 4.11 -13.29
CA GLN D 67 40.79 5.07 -14.25
C GLN D 67 40.79 4.58 -15.71
N ILE D 68 40.97 3.28 -15.94
CA ILE D 68 40.82 2.76 -17.30
C ILE D 68 39.39 3.04 -17.78
N VAL D 69 38.39 2.58 -17.04
CA VAL D 69 37.02 2.83 -17.33
C VAL D 69 36.75 4.34 -17.52
N ILE D 70 37.48 5.15 -16.77
CA ILE D 70 37.17 6.56 -16.73
C ILE D 70 37.77 7.31 -17.93
N THR D 71 38.94 6.90 -18.38
CA THR D 71 39.45 7.50 -19.59
C THR D 71 38.96 6.83 -20.85
N ILE D 72 38.67 5.53 -20.79
CA ILE D 72 37.93 4.86 -21.85
C ILE D 72 36.63 5.62 -22.12
N PHE D 73 36.00 6.15 -21.08
CA PHE D 73 34.76 6.88 -21.25
C PHE D 73 35.01 8.34 -21.66
N THR D 74 35.88 9.05 -20.96
CA THR D 74 36.06 10.43 -21.32
C THR D 74 36.82 10.60 -22.64
N ILE D 75 37.18 9.55 -23.34
CA ILE D 75 37.52 9.69 -24.74
C ILE D 75 36.27 9.68 -25.58
N GLU D 76 35.39 8.72 -25.31
CA GLU D 76 34.04 8.70 -25.90
C GLU D 76 33.33 10.04 -25.73
N ILE D 77 33.57 10.71 -24.60
CA ILE D 77 33.00 12.04 -24.38
C ILE D 77 33.54 13.06 -25.42
N ILE D 78 34.66 12.73 -26.03
CA ILE D 78 35.17 13.49 -27.17
C ILE D 78 34.75 12.84 -28.50
N LEU D 79 34.87 11.51 -28.60
CA LEU D 79 34.55 10.80 -29.82
C LEU D 79 33.13 11.12 -30.29
N ARG D 80 32.17 10.99 -29.38
CA ARG D 80 30.77 11.21 -29.75
C ARG D 80 30.53 12.68 -30.11
N ILE D 81 31.18 13.61 -29.36
CA ILE D 81 30.92 15.00 -29.60
C ILE D 81 31.56 15.49 -30.91
N TYR D 82 32.63 14.84 -31.34
CA TYR D 82 33.17 15.11 -32.70
C TYR D 82 32.25 14.53 -33.76
N VAL D 83 31.88 13.27 -33.63
CA VAL D 83 30.99 12.60 -34.57
C VAL D 83 29.61 13.28 -34.55
N HIS D 84 28.79 13.01 -33.55
CA HIS D 84 27.48 13.64 -33.51
C HIS D 84 27.80 15.00 -32.93
N ARG D 85 28.29 15.94 -33.73
CA ARG D 85 28.66 17.23 -33.17
C ARG D 85 27.53 18.01 -32.51
N ILE D 86 26.37 18.05 -33.14
CA ILE D 86 25.24 18.77 -32.56
C ILE D 86 24.05 17.88 -32.27
N SER D 87 24.13 16.63 -32.68
CA SER D 87 23.05 15.67 -32.46
C SER D 87 23.18 14.93 -31.11
N PHE D 88 24.16 15.31 -30.33
CA PHE D 88 24.42 14.74 -29.03
C PHE D 88 23.78 15.54 -27.89
N PHE D 89 23.98 16.85 -27.91
CA PHE D 89 23.50 17.71 -26.84
C PHE D 89 22.00 17.79 -26.89
N LYS D 90 21.43 17.30 -27.97
CA LYS D 90 19.98 17.32 -28.12
C LYS D 90 19.35 15.97 -27.91
N ASP D 91 20.13 14.94 -27.64
CA ASP D 91 19.60 13.62 -27.36
C ASP D 91 19.36 13.51 -25.87
N PRO D 92 18.11 13.20 -25.45
CA PRO D 92 17.90 12.93 -24.02
C PRO D 92 18.90 11.96 -23.40
N TRP D 93 18.99 10.75 -23.97
CA TRP D 93 19.76 9.63 -23.45
C TRP D 93 21.25 9.77 -23.56
N SER D 94 21.70 10.99 -23.85
CA SER D 94 23.10 11.27 -24.19
C SER D 94 23.73 12.21 -23.22
N LEU D 95 23.07 13.35 -22.97
CA LEU D 95 23.53 14.28 -21.96
C LEU D 95 23.71 13.65 -20.59
N PHE D 96 23.09 12.50 -20.34
CA PHE D 96 23.30 11.81 -19.07
C PHE D 96 24.71 11.25 -18.95
N ASP D 97 25.07 10.36 -19.89
CA ASP D 97 26.41 9.80 -19.93
C ASP D 97 27.46 10.87 -19.84
N PHE D 98 27.27 11.92 -20.63
CA PHE D 98 28.08 13.12 -20.51
C PHE D 98 28.12 13.57 -19.05
N PHE D 99 26.96 13.88 -18.46
CA PHE D 99 26.90 14.24 -17.05
C PHE D 99 27.42 13.11 -16.17
N VAL D 100 27.02 11.89 -16.44
CA VAL D 100 27.42 10.78 -15.62
C VAL D 100 28.93 10.50 -15.69
N VAL D 101 29.59 10.90 -16.79
CA VAL D 101 31.03 10.74 -16.82
C VAL D 101 31.74 11.96 -16.29
N ALA D 102 31.33 13.12 -16.76
CA ALA D 102 31.92 14.38 -16.30
C ALA D 102 31.82 14.44 -14.76
N ILE D 103 30.64 14.15 -14.24
CA ILE D 103 30.45 14.15 -12.79
C ILE D 103 31.30 13.06 -12.12
N SER D 104 31.58 11.98 -12.84
CA SER D 104 32.58 11.00 -12.32
C SER D 104 34.00 11.47 -12.58
N LEU D 105 34.13 12.39 -13.50
CA LEU D 105 35.43 12.90 -13.84
C LEU D 105 35.69 13.79 -12.69
N VAL D 106 36.29 13.24 -11.65
CA VAL D 106 36.56 14.00 -10.46
C VAL D 106 37.91 13.57 -9.87
N PRO D 107 38.46 14.40 -8.98
CA PRO D 107 39.74 14.06 -8.33
C PRO D 107 39.58 12.71 -7.62
N THR D 108 40.56 11.82 -7.77
CA THR D 108 40.38 10.47 -7.20
C THR D 108 40.26 10.39 -5.67
N SER D 109 40.98 11.19 -4.92
CA SER D 109 40.89 11.09 -3.47
C SER D 109 40.80 12.42 -2.72
N SER D 110 41.87 13.21 -2.78
CA SER D 110 41.98 14.41 -1.94
C SER D 110 40.90 15.48 -2.16
N GLY D 111 40.54 16.11 -1.04
CA GLY D 111 39.50 17.14 -0.97
C GLY D 111 38.65 16.88 0.25
N PHE D 112 37.49 17.52 0.34
CA PHE D 112 36.58 17.29 1.45
C PHE D 112 36.05 15.87 1.45
N GLU D 113 35.79 15.47 0.22
CA GLU D 113 35.25 14.22 -0.23
C GLU D 113 33.83 14.57 -0.48
N ILE D 114 33.41 14.56 -1.73
CA ILE D 114 32.03 14.90 -2.01
C ILE D 114 31.39 14.03 -3.06
N LEU D 115 31.86 14.15 -4.29
CA LEU D 115 31.29 13.35 -5.38
C LEU D 115 32.08 12.07 -5.55
N ARG D 116 32.80 11.65 -4.52
CA ARG D 116 33.50 10.36 -4.55
C ARG D 116 32.48 9.24 -4.56
N VAL D 117 31.38 9.42 -3.85
CA VAL D 117 30.27 8.46 -3.85
C VAL D 117 29.37 8.47 -5.08
N LEU D 118 29.07 9.64 -5.64
CA LEU D 118 28.21 9.80 -6.77
C LEU D 118 28.74 9.17 -8.05
N ARG D 119 30.00 8.78 -8.07
CA ARG D 119 30.56 8.13 -9.24
C ARG D 119 29.72 6.93 -9.67
N VAL D 120 29.24 6.15 -8.73
CA VAL D 120 28.54 4.90 -8.99
C VAL D 120 27.30 5.13 -9.88
N LEU D 121 26.95 6.38 -10.20
CA LEU D 121 26.01 6.62 -11.25
C LEU D 121 26.54 6.16 -12.61
N ARG D 122 27.87 6.15 -12.78
CA ARG D 122 28.46 5.66 -14.00
C ARG D 122 27.93 4.29 -14.38
N LEU D 123 27.34 3.56 -13.42
CA LEU D 123 26.74 2.28 -13.71
C LEU D 123 25.44 2.48 -14.43
N PHE D 124 24.86 3.67 -14.28
CA PHE D 124 23.67 3.99 -15.04
C PHE D 124 23.89 3.97 -16.54
N ARG D 125 25.13 4.19 -16.98
CA ARG D 125 25.46 4.22 -18.40
C ARG D 125 24.94 3.02 -19.17
N LEU D 126 24.77 1.91 -18.47
CA LEU D 126 24.15 0.73 -19.07
C LEU D 126 22.75 1.05 -19.61
N VAL D 127 21.96 1.81 -18.87
CA VAL D 127 20.66 2.18 -19.38
C VAL D 127 20.77 2.92 -20.72
N THR D 128 21.86 3.67 -20.86
CA THR D 128 22.05 4.56 -22.00
C THR D 128 22.77 3.92 -23.15
N ALA D 129 23.29 2.69 -22.95
CA ALA D 129 23.92 1.98 -24.03
C ALA D 129 23.29 0.61 -24.26
N VAL D 130 22.05 0.44 -23.81
CA VAL D 130 21.24 -0.68 -24.17
C VAL D 130 19.82 -0.20 -24.50
N PRO D 131 19.35 -0.37 -25.76
CA PRO D 131 18.04 0.18 -26.11
C PRO D 131 16.86 -0.43 -25.35
N GLN D 132 16.99 -1.69 -24.91
CA GLN D 132 15.95 -2.32 -24.12
C GLN D 132 15.67 -1.54 -22.84
N MET D 133 16.71 -0.86 -22.31
CA MET D 133 16.55 -0.09 -21.11
C MET D 133 15.68 1.17 -21.32
N ARG D 134 15.99 1.94 -22.34
CA ARG D 134 15.44 3.29 -22.50
C ARG D 134 13.95 3.26 -22.82
N LYS D 135 13.51 2.26 -23.58
CA LYS D 135 12.11 2.06 -23.80
C LYS D 135 11.36 1.93 -22.47
N ILE D 136 11.94 1.18 -21.55
CA ILE D 136 11.27 0.99 -20.24
C ILE D 136 11.37 2.26 -19.38
N VAL D 137 12.55 2.84 -19.30
CA VAL D 137 12.68 4.18 -18.79
C VAL D 137 11.57 5.09 -19.37
N SER D 138 11.33 5.00 -20.67
CA SER D 138 10.39 5.89 -21.32
C SER D 138 8.92 5.49 -21.05
N ALA D 139 8.64 4.18 -21.10
CA ALA D 139 7.35 3.68 -20.68
C ALA D 139 7.02 3.96 -19.23
N LEU D 140 8.03 4.52 -18.51
CA LEU D 140 7.91 5.01 -17.14
C LEU D 140 7.86 6.53 -17.03
N ILE D 141 8.85 7.21 -17.61
CA ILE D 141 8.90 8.67 -17.59
C ILE D 141 7.81 9.33 -18.45
N SER D 142 7.27 8.59 -19.44
CA SER D 142 6.27 9.19 -20.31
C SER D 142 5.04 9.68 -19.52
N VAL D 143 4.76 9.02 -18.41
CA VAL D 143 3.58 9.31 -17.62
C VAL D 143 3.73 10.55 -16.72
N ILE D 144 4.95 11.06 -16.59
CA ILE D 144 5.21 12.20 -15.75
C ILE D 144 4.31 13.43 -16.07
N PRO D 145 4.48 14.03 -17.27
CA PRO D 145 3.97 15.42 -17.42
C PRO D 145 2.46 15.49 -17.33
N GLY D 146 1.79 14.43 -17.75
CA GLY D 146 0.36 14.22 -17.44
C GLY D 146 0.02 14.62 -15.99
N MET D 147 1.03 14.53 -15.11
CA MET D 147 0.84 14.88 -13.71
C MET D 147 1.56 16.12 -13.23
N LEU D 148 2.62 16.55 -13.91
CA LEU D 148 3.56 17.54 -13.37
C LEU D 148 2.93 18.83 -12.83
N SER D 149 1.61 18.93 -12.95
CA SER D 149 0.83 19.99 -12.35
C SER D 149 -0.09 19.52 -11.21
N VAL D 150 -0.25 18.21 -11.02
CA VAL D 150 -0.81 17.67 -9.79
C VAL D 150 0.35 17.43 -8.83
N ILE D 151 1.55 17.18 -9.35
CA ILE D 151 2.80 17.17 -8.54
C ILE D 151 2.88 18.47 -7.69
N ALA D 152 2.62 19.61 -8.33
CA ALA D 152 2.66 20.87 -7.60
C ALA D 152 1.29 21.23 -7.03
N LEU D 153 0.28 20.46 -7.36
CA LEU D 153 -0.95 20.55 -6.59
C LEU D 153 -0.58 20.04 -5.18
N MET D 154 0.19 18.99 -5.16
CA MET D 154 0.71 18.35 -3.97
C MET D 154 1.68 19.24 -3.20
N THR D 155 2.59 19.95 -3.87
CA THR D 155 3.49 20.83 -3.12
C THR D 155 2.75 22.02 -2.49
N LEU D 156 1.76 22.54 -3.18
CA LEU D 156 1.01 23.64 -2.67
C LEU D 156 0.29 23.17 -1.43
N PHE D 157 -0.36 22.03 -1.50
CA PHE D 157 -1.12 21.51 -0.37
C PHE D 157 -0.19 21.22 0.78
N PHE D 158 0.95 20.63 0.47
CA PHE D 158 1.89 20.31 1.49
C PHE D 158 2.42 21.57 2.15
N TYR D 159 2.76 22.56 1.34
CA TYR D 159 3.36 23.78 1.86
C TYR D 159 2.49 24.44 2.91
N ILE D 160 1.19 24.64 2.57
CA ILE D 160 0.23 25.11 3.53
C ILE D 160 0.29 24.26 4.80
N PHE D 161 0.45 22.95 4.64
CA PHE D 161 0.43 22.09 5.80
C PHE D 161 1.74 22.10 6.62
N ALA D 162 2.89 21.96 5.97
CA ALA D 162 4.17 22.03 6.67
C ALA D 162 4.27 23.29 7.53
N ILE D 163 3.79 24.41 7.02
CA ILE D 163 3.75 25.61 7.84
C ILE D 163 2.84 25.36 9.04
N MET D 164 1.60 24.97 8.74
CA MET D 164 0.61 24.74 9.77
C MET D 164 1.07 23.73 10.84
N ALA D 165 2.31 23.26 10.73
CA ALA D 165 2.89 22.38 11.72
C ALA D 165 3.86 23.09 12.62
N THR D 166 4.76 23.90 12.07
CA THR D 166 5.71 24.63 12.89
C THR D 166 4.94 25.55 13.84
N GLN D 167 3.90 26.20 13.31
CA GLN D 167 3.04 27.02 14.08
C GLN D 167 1.98 26.23 14.83
N LEU D 168 2.14 24.92 14.92
CA LEU D 168 1.21 24.14 15.68
C LEU D 168 1.89 23.31 16.77
N PHE D 169 2.81 22.39 16.39
CA PHE D 169 3.32 21.42 17.36
C PHE D 169 4.80 21.59 17.68
N GLY D 170 5.47 22.56 17.09
CA GLY D 170 6.93 22.61 17.11
C GLY D 170 7.40 23.48 18.27
N GLU D 171 6.54 23.53 19.25
CA GLU D 171 6.82 24.14 20.51
C GLU D 171 7.29 22.98 21.35
N ARG D 172 6.54 21.89 21.40
CA ARG D 172 6.94 20.73 22.21
C ARG D 172 7.52 19.58 21.47
N PHE D 173 7.48 19.61 20.14
CA PHE D 173 7.99 18.49 19.38
C PHE D 173 8.94 19.02 18.36
N PRO D 174 10.11 19.44 18.78
CA PRO D 174 11.08 20.00 17.85
C PRO D 174 11.50 19.02 16.77
N GLU D 175 11.67 17.75 17.08
CA GLU D 175 12.11 16.76 16.09
C GLU D 175 11.15 16.51 14.92
N TRP D 176 9.85 16.51 15.21
CA TRP D 176 8.81 16.16 14.22
C TRP D 176 8.15 17.35 13.52
N PHE D 177 8.40 18.55 14.03
CA PHE D 177 7.76 19.74 13.48
C PHE D 177 8.19 21.03 14.19
N GLY D 178 7.44 22.09 13.95
CA GLY D 178 7.74 23.40 14.52
C GLY D 178 8.70 24.20 13.65
N THR D 179 9.10 23.63 12.52
CA THR D 179 10.01 24.30 11.58
C THR D 179 9.51 24.04 10.15
N LEU D 180 9.83 24.95 9.24
CA LEU D 180 9.39 24.80 7.86
C LEU D 180 9.99 23.51 7.30
N GLY D 181 11.23 23.25 7.67
CA GLY D 181 11.96 22.05 7.22
C GLY D 181 11.50 20.77 7.86
N GLU D 182 11.62 20.66 9.18
CA GLU D 182 11.37 19.39 9.83
C GLU D 182 9.92 18.92 9.75
N SER D 183 9.01 19.77 9.28
CA SER D 183 7.62 19.36 9.18
C SER D 183 7.29 18.73 7.82
N PHE D 184 7.93 19.20 6.75
CA PHE D 184 7.72 18.61 5.46
C PHE D 184 8.00 17.11 5.54
N TYR D 185 9.18 16.79 6.04
CA TYR D 185 9.54 15.39 6.24
C TYR D 185 8.43 14.60 6.96
N THR D 186 8.14 15.03 8.18
CA THR D 186 7.39 14.18 9.10
C THR D 186 6.06 13.80 8.45
N LEU D 187 5.42 14.82 7.89
CA LEU D 187 4.23 14.65 7.04
C LEU D 187 4.49 13.67 5.91
N PHE D 188 5.69 13.70 5.33
CA PHE D 188 5.99 12.74 4.28
C PHE D 188 5.91 11.29 4.79
N GLN D 189 6.58 11.02 5.90
CA GLN D 189 6.41 9.78 6.64
C GLN D 189 4.95 9.48 7.02
N VAL D 190 4.21 10.51 7.38
CA VAL D 190 2.79 10.37 7.59
C VAL D 190 2.01 10.01 6.31
N MET D 191 2.49 10.46 5.16
CA MET D 191 1.79 10.14 3.91
C MET D 191 1.89 8.65 3.56
N THR D 192 3.12 8.17 3.44
CA THR D 192 3.33 6.72 3.28
C THR D 192 2.78 5.91 4.42
N LEU D 193 2.34 6.59 5.51
CA LEU D 193 1.71 5.99 6.69
C LEU D 193 2.80 5.12 7.39
N ASP D 194 3.97 5.69 7.64
CA ASP D 194 5.10 4.91 8.11
C ASP D 194 5.26 5.01 9.62
N ASP D 195 4.76 4.02 10.35
CA ASP D 195 4.63 4.20 11.78
C ASP D 195 4.02 5.57 12.02
N TRP D 196 2.80 5.76 11.57
CA TRP D 196 2.36 7.15 11.74
C TRP D 196 1.63 7.33 13.10
N SER D 197 0.80 6.41 13.51
CA SER D 197 -0.27 6.76 14.50
C SER D 197 0.31 6.75 15.91
N ASN D 198 0.66 5.58 16.34
CA ASN D 198 1.28 5.37 17.56
C ASN D 198 2.55 6.18 17.48
N GLY D 199 3.34 5.96 16.47
CA GLY D 199 4.61 6.58 16.42
C GLY D 199 4.65 8.08 16.45
N ILE D 200 3.71 8.79 15.85
CA ILE D 200 3.75 10.22 15.81
C ILE D 200 2.49 10.95 16.24
N VAL D 201 1.29 10.40 16.04
CA VAL D 201 0.10 11.14 16.34
C VAL D 201 -0.50 10.92 17.70
N ARG D 202 -0.21 9.81 18.32
CA ARG D 202 -0.70 9.55 19.66
C ARG D 202 0.06 10.50 20.61
N PRO D 203 1.32 10.72 20.36
CA PRO D 203 2.10 11.62 21.14
C PRO D 203 1.64 13.09 21.12
N LEU D 204 1.41 13.62 19.93
CA LEU D 204 0.95 14.99 19.74
C LEU D 204 -0.43 15.17 20.35
N MET D 205 -1.26 14.13 20.23
CA MET D 205 -2.62 14.17 20.74
C MET D 205 -2.62 14.36 22.24
N GLU D 206 -1.68 13.73 22.94
CA GLU D 206 -1.60 13.85 24.40
C GLU D 206 -1.35 15.31 24.78
N VAL D 207 -0.45 15.96 24.05
CA VAL D 207 -0.18 17.38 24.22
C VAL D 207 -1.40 18.15 23.74
N TYR D 208 -1.96 17.65 22.64
CA TYR D 208 -3.15 18.22 22.00
C TYR D 208 -4.01 17.12 21.37
N PRO D 209 -5.13 16.80 21.99
CA PRO D 209 -5.94 15.70 21.46
C PRO D 209 -6.38 15.84 20.00
N TYR D 210 -6.79 17.05 19.60
CA TYR D 210 -7.33 17.34 18.28
C TYR D 210 -6.23 17.36 17.19
N ALA D 211 -5.04 16.90 17.48
CA ALA D 211 -4.08 16.74 16.39
C ALA D 211 -4.60 15.88 15.24
N TYR D 212 -5.57 15.02 15.51
CA TYR D 212 -6.13 14.19 14.49
C TYR D 212 -6.83 15.05 13.45
N VAL D 213 -7.33 16.21 13.89
CA VAL D 213 -8.11 17.04 13.02
C VAL D 213 -7.21 17.72 12.01
N PHE D 214 -5.94 17.31 11.97
CA PHE D 214 -4.92 17.74 11.03
C PHE D 214 -4.39 16.56 10.28
N PHE D 215 -4.53 15.34 10.81
CA PHE D 215 -4.06 14.14 10.13
C PHE D 215 -5.12 13.14 9.70
N ILE D 216 -6.24 13.04 10.39
CA ILE D 216 -7.26 12.07 9.96
C ILE D 216 -7.73 12.59 8.64
N PRO D 217 -7.87 13.92 8.53
CA PRO D 217 -8.02 14.50 7.19
C PRO D 217 -6.78 14.40 6.30
N PHE D 218 -5.68 15.07 6.66
CA PHE D 218 -4.49 15.11 5.81
C PHE D 218 -4.14 13.75 5.22
N ILE D 219 -4.69 12.69 5.81
CA ILE D 219 -4.55 11.34 5.27
C ILE D 219 -5.54 11.16 4.16
N PHE D 220 -6.83 11.11 4.51
CA PHE D 220 -7.90 10.88 3.53
C PHE D 220 -7.71 11.70 2.26
N VAL D 221 -7.15 12.92 2.40
CA VAL D 221 -6.76 13.65 1.23
C VAL D 221 -5.52 13.04 0.57
N VAL D 222 -4.34 13.19 1.19
CA VAL D 222 -3.13 12.85 0.43
C VAL D 222 -3.25 11.47 -0.17
N THR D 223 -3.89 10.54 0.55
CA THR D 223 -4.12 9.23 -0.08
C THR D 223 -4.99 9.37 -1.29
N PHE D 224 -6.17 9.98 -1.10
CA PHE D 224 -7.13 10.17 -2.18
C PHE D 224 -6.51 10.57 -3.50
N VAL D 225 -5.76 11.67 -3.47
CA VAL D 225 -5.18 12.27 -4.66
C VAL D 225 -4.34 11.25 -5.41
N MET D 226 -3.48 10.51 -4.70
CA MET D 226 -2.68 9.50 -5.35
C MET D 226 -3.53 8.38 -5.97
N ILE D 227 -4.61 8.00 -5.30
CA ILE D 227 -5.50 6.99 -5.84
C ILE D 227 -6.15 7.49 -7.16
N ASN D 228 -6.40 8.78 -7.26
CA ASN D 228 -6.94 9.35 -8.48
C ASN D 228 -5.89 10.04 -9.32
N LEU D 229 -4.61 9.81 -9.06
CA LEU D 229 -3.53 10.21 -9.94
C LEU D 229 -2.65 9.01 -10.26
N VAL D 230 -3.12 7.83 -9.94
CA VAL D 230 -2.70 6.60 -10.64
C VAL D 230 -3.87 6.02 -11.44
N VAL D 231 -5.09 6.07 -10.90
CA VAL D 231 -6.25 5.71 -11.67
C VAL D 231 -6.25 6.52 -12.97
N ALA D 232 -5.72 7.73 -12.89
CA ALA D 232 -5.39 8.46 -14.11
C ALA D 232 -4.38 7.68 -14.95
N ILE D 233 -3.25 7.32 -14.33
CA ILE D 233 -2.16 6.66 -15.01
C ILE D 233 -2.59 5.39 -15.76
N ILE D 234 -3.55 4.66 -15.23
CA ILE D 234 -4.07 3.52 -15.97
C ILE D 234 -5.01 4.01 -17.09
N VAL D 235 -5.90 4.95 -16.80
CA VAL D 235 -6.83 5.38 -17.85
C VAL D 235 -6.16 6.28 -18.87
N ASP D 236 -5.11 7.00 -18.45
CA ASP D 236 -4.36 7.79 -19.42
C ASP D 236 -3.78 6.92 -20.52
N ALA D 237 -3.24 5.75 -20.18
CA ALA D 237 -2.73 4.83 -21.18
C ALA D 237 -3.79 4.00 -21.87
N MET D 238 -5.02 3.94 -21.29
CA MET D 238 -6.06 3.14 -21.89
C MET D 238 -7.12 3.99 -22.60
N ALA D 239 -7.00 5.32 -22.59
CA ALA D 239 -7.81 6.21 -23.40
C ALA D 239 -7.12 6.58 -24.71
N ILE D 240 -5.84 6.24 -24.85
CA ILE D 240 -5.15 6.34 -26.11
C ILE D 240 -5.31 5.06 -26.94
N LEU D 241 -5.29 3.92 -26.27
CA LEU D 241 -5.61 2.67 -26.94
C LEU D 241 -7.03 2.68 -27.50
N ASN D 242 -7.93 3.39 -26.82
CA ASN D 242 -9.33 3.33 -27.10
C ASN D 242 -9.78 4.12 -28.34
N GLN D 243 -8.93 4.98 -28.87
CA GLN D 243 -9.33 5.91 -29.93
C GLN D 243 -8.95 5.47 -31.33
N LYS D 244 -7.80 4.84 -31.51
CA LYS D 244 -7.41 4.32 -32.80
C LYS D 244 -8.03 2.95 -33.10
N GLU D 245 -8.70 2.35 -32.13
CA GLU D 245 -9.41 1.09 -32.31
C GLU D 245 -10.91 1.27 -32.39
N GLU D 246 -11.37 2.52 -32.51
CA GLU D 246 -12.77 2.83 -32.63
C GLU D 246 -13.17 3.45 -33.96
N GLN D 247 -12.32 4.29 -34.55
CA GLN D 247 -12.59 4.87 -35.86
C GLN D 247 -12.48 3.86 -36.99
N HIS D 248 -11.95 2.67 -36.70
CA HIS D 248 -11.90 1.59 -37.67
C HIS D 248 -11.56 0.25 -36.99
N ILE D 249 -12.49 -0.71 -37.09
CA ILE D 249 -12.28 -2.05 -36.59
C ILE D 249 -13.26 -3.03 -37.25
#